data_8SZS
#
_entry.id   8SZS
#
_cell.length_a   86.110
_cell.length_b   86.110
_cell.length_c   347.240
_cell.angle_alpha   90.000
_cell.angle_beta   90.000
_cell.angle_gamma   90.000
#
_symmetry.space_group_name_H-M   'P 43 21 2'
#
loop_
_entity.id
_entity.type
_entity.pdbx_description
1 polymer 'RNA helicase'
2 non-polymer "GUANOSINE-5'-DIPHOSPHATE"
3 non-polymer 'MAGNESIUM ION'
4 non-polymer 'SULFATE ION'
5 non-polymer 1,2-ETHANEDIOL
6 water water
#
_entity_poly.entity_id   1
_entity_poly.type   'polypeptide(L)'
_entity_poly.pdbx_seq_one_letter_code
;MSRKEEQEVQATLESEEVDLNAGLHGNWTLENAKARLNQYFQKEKIQGEYKYTQVGPDHNRSFIAEMTIYIKQLGRRIFA
REHGSNKKLAAQSCALSLVRQLYHLGVIEAYSGLTKKKEGETVEPYKVNLSQDLEHQLQNVIQELNLEIVPPPEDPFLPV
VLNLGKLAHFEPSQRQNQIGVVPWSPPQSNWNPWTSSNIDEGPLAYATPEQISMDLKNELMYQLEQDHDLQAILQERELL
PVKKFESEILEAISQNSVIIIRGATGCGKTTQVPQFILDDFIQNDRAAECNIVVTQPRRISAVSVAERVAYERGEEPGKS
CGYSVRFESVLPRPHASIMFCTVGVLLRKLEAGIRGISHVIVDEIHERDINTDFLLVVLRDVVQAYPEVRIVLMSATIDT
SMFCEYFFNCPIIEVYGRTYPVQEYFLEDCIQMTHFVPPPKDKKKKEKDDDGFEDDDANCNLICGDEYGPETRMSMAQLN
EKETPFELIEALLKYIETLNVPGAVLVFLPGWNLIYTMQKHLEMNPHFGSHRYQILPLHSQIPREEQRKVFDPVPSGVTK
VILSTNIAETSITINDVVYVIDSCKQKVKLFTAHNNMTNYATVWASKTNLEQRKGRAGRVRPGFCFHLCSRARFERLETH
MTPEMFRTPLHEIALSIKLLRLGGIGQFLAKAIEPPPLDAVIEAEHTLRELDALDANDELTPLGRILAKLPIEPRFGKMM
IMGCIFYVGDAVCTISAATCFPEPFISEGKRLGYVHRNFAGNRFSDHVALLSVFQAWDDARMGGEEAEIRFCEHKRLNMA
TLRMTWEAKVQLKEILINSGFPEDCLLTQVFTNTGPDNNLDVVISLLAFGVYPNVCYHKEKRKILTTEGRNALIHKSSVN
CPFSSQDMKYPSPFFVFGEKIRTRAISAKGMTLVTPLQLLLFASKKVQSDGQIVLVDDWIRLQISHEAAACITALRAAME
ALVVEVTKQPNIISQLDPVNEHMLNMIRQISRPSAAGINLMIDYKDDDDK
;
_entity_poly.pdbx_strand_id   A
#
# COMPACT_ATOMS: atom_id res chain seq x y z
N THR A 122 14.40 -0.75 33.47
CA THR A 122 14.76 -1.34 34.79
C THR A 122 14.38 -2.82 34.82
N VAL A 123 15.02 -3.60 33.94
CA VAL A 123 14.73 -5.02 33.80
C VAL A 123 16.04 -5.80 33.87
N GLU A 124 16.04 -6.88 34.65
CA GLU A 124 17.22 -7.70 34.85
C GLU A 124 17.54 -8.46 33.56
N PRO A 125 18.82 -8.81 33.31
CA PRO A 125 19.19 -9.55 32.11
C PRO A 125 18.49 -10.91 32.05
N TYR A 126 18.00 -11.28 30.86
CA TYR A 126 17.31 -12.54 30.66
C TYR A 126 18.33 -13.66 30.54
N LYS A 127 18.08 -14.76 31.27
CA LYS A 127 19.02 -15.87 31.35
C LYS A 127 18.71 -16.88 30.24
N VAL A 128 19.68 -17.10 29.35
CA VAL A 128 19.51 -17.96 28.19
C VAL A 128 20.05 -19.34 28.53
N ASN A 129 19.17 -20.35 28.48
CA ASN A 129 19.54 -21.74 28.76
C ASN A 129 20.09 -22.39 27.50
N LEU A 130 21.42 -22.32 27.34
CA LEU A 130 22.10 -22.91 26.21
C LEU A 130 22.98 -24.06 26.71
N SER A 131 22.84 -25.25 26.09
CA SER A 131 23.54 -26.44 26.53
C SER A 131 25.01 -26.38 26.10
N GLN A 132 25.83 -27.25 26.71
CA GLN A 132 27.25 -27.35 26.41
C GLN A 132 27.43 -27.86 24.98
N ASP A 133 26.64 -28.88 24.61
CA ASP A 133 26.72 -29.51 23.30
C ASP A 133 26.60 -28.46 22.21
N LEU A 134 25.58 -27.59 22.33
CA LEU A 134 25.27 -26.62 21.29
C LEU A 134 26.33 -25.51 21.29
N GLU A 135 26.77 -25.10 22.48
CA GLU A 135 27.78 -24.07 22.60
C GLU A 135 29.07 -24.50 21.91
N HIS A 136 29.42 -25.79 22.02
CA HIS A 136 30.61 -26.34 21.41
C HIS A 136 30.44 -26.47 19.90
N GLN A 137 29.24 -26.91 19.47
CA GLN A 137 28.92 -27.03 18.05
C GLN A 137 29.07 -25.66 17.37
N LEU A 138 28.57 -24.61 18.02
CA LEU A 138 28.69 -23.25 17.53
C LEU A 138 30.16 -22.89 17.31
N GLN A 139 30.99 -23.19 18.32
CA GLN A 139 32.39 -22.82 18.28
C GLN A 139 33.10 -23.58 17.16
N ASN A 140 32.76 -24.87 17.01
CA ASN A 140 33.39 -25.72 16.02
C ASN A 140 33.09 -25.20 14.61
N VAL A 141 31.84 -24.81 14.35
CA VAL A 141 31.44 -24.32 13.04
C VAL A 141 32.21 -23.02 12.72
N ILE A 142 32.31 -22.14 13.72
CA ILE A 142 33.07 -20.90 13.57
C ILE A 142 34.54 -21.20 13.31
N GLN A 143 35.07 -22.25 13.94
CA GLN A 143 36.48 -22.60 13.78
C GLN A 143 36.70 -23.20 12.39
N GLU A 144 35.78 -24.09 11.97
CA GLU A 144 35.94 -24.82 10.72
C GLU A 144 35.89 -23.87 9.52
N LEU A 145 35.10 -22.79 9.64
CA LEU A 145 34.92 -21.83 8.56
C LEU A 145 35.91 -20.68 8.68
N ASN A 146 36.75 -20.70 9.72
CA ASN A 146 37.80 -19.70 9.90
C ASN A 146 37.16 -18.32 9.92
N LEU A 147 36.07 -18.17 10.68
CA LEU A 147 35.37 -16.90 10.78
C LEU A 147 35.96 -16.12 11.96
N GLU A 148 36.18 -14.82 11.73
CA GLU A 148 36.77 -13.95 12.74
C GLU A 148 35.76 -13.78 13.88
N ILE A 149 36.24 -13.90 15.11
CA ILE A 149 35.43 -13.67 16.29
C ILE A 149 36.15 -12.68 17.21
N VAL A 150 35.37 -11.81 17.84
CA VAL A 150 35.88 -10.86 18.82
C VAL A 150 36.08 -11.61 20.13
N PRO A 151 37.33 -11.70 20.65
CA PRO A 151 37.59 -12.40 21.91
C PRO A 151 36.96 -11.69 23.11
N PRO A 152 36.83 -12.38 24.26
CA PRO A 152 36.28 -11.77 25.49
C PRO A 152 37.07 -10.54 25.95
N PRO A 153 36.46 -9.66 26.76
CA PRO A 153 37.15 -8.48 27.29
C PRO A 153 37.92 -8.78 28.57
N GLU A 154 38.99 -8.01 28.80
CA GLU A 154 39.80 -8.15 30.00
C GLU A 154 39.08 -7.50 31.18
N ASP A 155 38.73 -6.21 31.01
CA ASP A 155 38.05 -5.44 32.04
C ASP A 155 36.55 -5.49 31.78
N PRO A 156 35.72 -5.95 32.76
CA PRO A 156 34.26 -5.98 32.60
C PRO A 156 33.57 -4.62 32.38
N PHE A 157 34.28 -3.52 32.68
CA PHE A 157 33.75 -2.18 32.44
C PHE A 157 34.29 -1.62 31.13
N LEU A 158 34.90 -2.48 30.30
CA LEU A 158 35.29 -2.14 28.94
C LEU A 158 34.65 -3.15 27.99
N PRO A 159 33.33 -3.02 27.69
CA PRO A 159 32.62 -4.01 26.88
C PRO A 159 32.98 -3.92 25.40
N VAL A 160 33.12 -5.07 24.75
CA VAL A 160 33.59 -5.16 23.38
C VAL A 160 32.40 -5.44 22.46
N VAL A 161 32.46 -4.84 21.26
CA VAL A 161 31.44 -5.02 20.23
C VAL A 161 31.72 -6.32 19.48
N LEU A 162 30.72 -7.21 19.43
CA LEU A 162 30.84 -8.50 18.76
C LEU A 162 30.61 -8.34 17.26
N ASN A 163 29.92 -7.25 16.89
CA ASN A 163 29.45 -7.05 15.52
C ASN A 163 30.64 -7.02 14.57
N LEU A 164 30.70 -8.06 13.72
CA LEU A 164 31.71 -8.15 12.68
C LEU A 164 31.36 -7.20 11.55
N GLY A 165 32.39 -6.75 10.83
CA GLY A 165 32.19 -6.02 9.58
C GLY A 165 31.65 -6.94 8.48
N LYS A 166 31.77 -6.49 7.23
CA LYS A 166 31.26 -7.24 6.10
C LYS A 166 32.06 -8.52 5.91
N SER A 173 32.74 -3.75 -7.27
CA SER A 173 32.23 -2.36 -7.46
C SER A 173 32.05 -2.07 -8.95
N GLN A 174 31.45 -0.90 -9.25
CA GLN A 174 31.24 -0.46 -10.62
C GLN A 174 31.53 1.03 -10.73
N ARG A 175 31.63 1.52 -11.97
CA ARG A 175 31.93 2.91 -12.26
C ARG A 175 30.67 3.76 -12.09
N GLN A 176 30.83 4.93 -11.47
CA GLN A 176 29.73 5.86 -11.28
C GLN A 176 29.39 6.53 -12.62
N ILE A 179 22.98 11.54 -15.85
CA ILE A 179 21.51 11.62 -16.09
C ILE A 179 21.16 10.85 -17.36
N GLY A 180 20.60 9.65 -17.18
CA GLY A 180 20.02 8.89 -18.28
C GLY A 180 18.58 9.30 -18.55
N VAL A 181 18.08 8.92 -19.73
CA VAL A 181 16.70 9.18 -20.13
C VAL A 181 16.06 7.85 -20.49
N VAL A 182 14.80 7.67 -20.07
CA VAL A 182 14.05 6.47 -20.41
C VAL A 182 13.70 6.55 -21.91
N PRO A 183 14.08 5.54 -22.73
CA PRO A 183 13.79 5.56 -24.16
C PRO A 183 12.30 5.47 -24.48
N TRP A 184 11.92 6.05 -25.63
CA TRP A 184 10.54 5.99 -26.12
C TRP A 184 10.53 5.54 -27.59
N SER A 185 9.48 4.81 -27.95
CA SER A 185 9.21 4.45 -29.34
C SER A 185 7.70 4.35 -29.57
N PRO A 186 7.20 4.81 -30.73
CA PRO A 186 5.74 4.85 -30.98
C PRO A 186 5.15 3.47 -31.24
N PRO A 187 3.80 3.34 -31.27
CA PRO A 187 3.17 2.05 -31.57
C PRO A 187 3.55 1.50 -32.93
N GLN A 188 3.62 0.17 -33.03
CA GLN A 188 3.70 -0.49 -34.33
C GLN A 188 2.95 -1.82 -34.28
N SER A 189 2.62 -2.33 -35.48
CA SER A 189 1.53 -3.27 -35.67
C SER A 189 1.87 -4.67 -35.14
N ASN A 190 3.16 -5.01 -35.10
CA ASN A 190 3.60 -6.35 -34.73
C ASN A 190 4.16 -6.37 -33.31
N TRP A 191 3.70 -5.43 -32.47
CA TRP A 191 4.19 -5.31 -31.11
C TRP A 191 3.00 -5.22 -30.16
N ASN A 192 3.05 -5.99 -29.07
CA ASN A 192 2.06 -5.90 -28.00
C ASN A 192 2.68 -5.12 -26.84
N PRO A 193 2.30 -3.84 -26.64
CA PRO A 193 2.96 -2.99 -25.64
C PRO A 193 2.58 -3.33 -24.20
N TRP A 194 1.53 -4.14 -24.03
CA TRP A 194 1.04 -4.48 -22.70
C TRP A 194 1.72 -5.75 -22.19
N THR A 195 2.01 -6.70 -23.08
CA THR A 195 2.79 -7.87 -22.73
C THR A 195 4.27 -7.64 -22.99
N SER A 196 4.61 -6.53 -23.66
CA SER A 196 5.98 -6.18 -23.99
C SER A 196 6.66 -7.33 -24.74
N SER A 197 6.03 -7.79 -25.82
CA SER A 197 6.58 -8.84 -26.66
C SER A 197 6.03 -8.74 -28.08
N ASN A 198 6.69 -9.42 -29.02
CA ASN A 198 6.32 -9.41 -30.41
C ASN A 198 5.03 -10.20 -30.61
N ILE A 199 4.30 -9.87 -31.68
CA ILE A 199 3.18 -10.68 -32.13
C ILE A 199 3.68 -11.52 -33.31
N ASP A 200 3.83 -12.83 -33.07
CA ASP A 200 4.38 -13.74 -34.06
C ASP A 200 3.27 -14.58 -34.68
N GLU A 201 2.40 -15.13 -33.83
CA GLU A 201 1.31 -15.99 -34.27
C GLU A 201 0.08 -15.14 -34.60
N GLY A 202 -0.84 -15.71 -35.40
CA GLY A 202 -2.10 -15.07 -35.73
C GLY A 202 -1.93 -14.05 -36.87
N PRO A 203 -3.05 -13.48 -37.38
CA PRO A 203 -2.99 -12.56 -38.51
C PRO A 203 -2.42 -11.18 -38.22
N LEU A 204 -2.25 -10.84 -36.94
CA LEU A 204 -1.81 -9.51 -36.54
C LEU A 204 -0.28 -9.40 -36.61
N ALA A 205 0.40 -10.50 -36.95
CA ALA A 205 1.85 -10.52 -37.05
C ALA A 205 2.34 -9.81 -38.31
N TYR A 206 1.57 -9.96 -39.41
CA TYR A 206 1.97 -9.44 -40.71
C TYR A 206 1.00 -8.36 -41.19
N ALA A 207 -0.19 -8.27 -40.59
CA ALA A 207 -1.20 -7.30 -40.99
C ALA A 207 -0.62 -5.88 -40.91
N THR A 208 -0.95 -5.06 -41.92
CA THR A 208 -0.48 -3.69 -41.99
C THR A 208 -1.33 -2.83 -41.05
N PRO A 209 -0.85 -1.62 -40.66
CA PRO A 209 -1.66 -0.69 -39.88
C PRO A 209 -2.99 -0.33 -40.53
N GLU A 210 -3.00 -0.22 -41.87
CA GLU A 210 -4.18 0.16 -42.62
C GLU A 210 -5.27 -0.90 -42.45
N GLN A 211 -4.89 -2.17 -42.60
CA GLN A 211 -5.82 -3.27 -42.42
C GLN A 211 -6.42 -3.24 -41.02
N ILE A 212 -5.54 -3.16 -40.01
CA ILE A 212 -5.93 -3.19 -38.61
C ILE A 212 -6.88 -2.02 -38.34
N SER A 213 -6.52 -0.82 -38.83
CA SER A 213 -7.28 0.38 -38.56
C SER A 213 -8.70 0.28 -39.12
N MET A 214 -8.80 -0.21 -40.37
CA MET A 214 -10.07 -0.27 -41.08
C MET A 214 -11.00 -1.29 -40.43
N ASP A 215 -10.44 -2.44 -40.03
CA ASP A 215 -11.21 -3.51 -39.41
C ASP A 215 -11.82 -3.02 -38.09
N LEU A 216 -11.02 -2.27 -37.32
CA LEU A 216 -11.46 -1.76 -36.02
C LEU A 216 -12.52 -0.68 -36.21
N LYS A 217 -12.32 0.19 -37.22
CA LYS A 217 -13.28 1.25 -37.51
C LYS A 217 -14.63 0.63 -37.90
N ASN A 218 -14.61 -0.40 -38.76
CA ASN A 218 -15.83 -1.03 -39.23
C ASN A 218 -16.52 -1.77 -38.09
N GLU A 219 -15.72 -2.41 -37.23
CA GLU A 219 -16.23 -3.14 -36.08
C GLU A 219 -17.01 -2.18 -35.18
N LEU A 220 -16.44 -0.99 -34.93
CA LEU A 220 -17.01 -0.02 -34.02
C LEU A 220 -18.27 0.59 -34.62
N MET A 221 -18.18 0.98 -35.91
CA MET A 221 -19.31 1.57 -36.61
C MET A 221 -20.52 0.63 -36.56
N TYR A 222 -20.28 -0.66 -36.81
CA TYR A 222 -21.35 -1.66 -36.80
C TYR A 222 -21.97 -1.77 -35.40
N GLN A 223 -21.13 -1.73 -34.37
CA GLN A 223 -21.57 -1.88 -32.99
C GLN A 223 -22.54 -0.74 -32.62
N LEU A 224 -22.21 0.48 -33.05
CA LEU A 224 -23.00 1.66 -32.73
C LEU A 224 -24.34 1.62 -33.46
N GLU A 225 -24.39 0.95 -34.62
CA GLU A 225 -25.61 0.81 -35.40
C GLU A 225 -26.57 -0.17 -34.73
N GLN A 226 -26.02 -1.24 -34.16
CA GLN A 226 -26.82 -2.39 -33.75
C GLN A 226 -27.24 -2.32 -32.29
N ASP A 227 -26.44 -1.67 -31.43
CA ASP A 227 -26.63 -1.79 -29.99
C ASP A 227 -27.35 -0.56 -29.45
N HIS A 228 -28.64 -0.72 -29.13
CA HIS A 228 -29.47 0.37 -28.64
C HIS A 228 -29.06 0.78 -27.23
N ASP A 229 -28.73 -0.20 -26.38
CA ASP A 229 -28.28 0.08 -25.03
C ASP A 229 -26.99 0.90 -25.05
N LEU A 230 -26.13 0.64 -26.04
CA LEU A 230 -24.88 1.36 -26.20
C LEU A 230 -25.14 2.78 -26.69
N GLN A 231 -26.12 2.93 -27.60
CA GLN A 231 -26.53 4.25 -28.08
C GLN A 231 -26.97 5.10 -26.90
N ALA A 232 -27.80 4.53 -26.01
CA ALA A 232 -28.27 5.24 -24.82
C ALA A 232 -27.09 5.65 -23.94
N ILE A 233 -26.12 4.74 -23.76
CA ILE A 233 -24.94 4.99 -22.96
C ILE A 233 -24.13 6.14 -23.57
N LEU A 234 -23.93 6.10 -24.90
CA LEU A 234 -23.20 7.15 -25.59
C LEU A 234 -23.91 8.50 -25.44
N GLN A 235 -25.25 8.49 -25.43
CA GLN A 235 -26.03 9.71 -25.30
C GLN A 235 -25.76 10.35 -23.93
N GLU A 236 -25.61 9.52 -22.88
CA GLU A 236 -25.24 10.04 -21.57
C GLU A 236 -23.85 10.67 -21.64
N ARG A 237 -22.92 10.02 -22.36
CA ARG A 237 -21.55 10.51 -22.48
C ARG A 237 -21.54 11.94 -23.03
N GLU A 238 -22.44 12.20 -23.98
CA GLU A 238 -22.40 13.40 -24.79
C GLU A 238 -22.92 14.61 -24.00
N LEU A 239 -23.52 14.37 -22.82
CA LEU A 239 -24.03 15.44 -21.98
C LEU A 239 -23.03 15.82 -20.87
N LEU A 240 -21.91 15.09 -20.76
CA LEU A 240 -20.90 15.40 -19.76
C LEU A 240 -20.23 16.73 -20.11
N PRO A 241 -20.02 17.64 -19.12
CA PRO A 241 -19.36 18.92 -19.36
C PRO A 241 -18.17 18.89 -20.31
N VAL A 242 -17.33 17.85 -20.21
CA VAL A 242 -16.10 17.76 -20.97
C VAL A 242 -16.40 17.64 -22.48
N LYS A 243 -17.58 17.11 -22.83
CA LYS A 243 -17.93 16.84 -24.22
C LYS A 243 -17.79 18.10 -25.08
N LYS A 244 -18.27 19.23 -24.56
CA LYS A 244 -18.18 20.52 -25.22
C LYS A 244 -16.75 20.78 -25.72
N PHE A 245 -15.74 20.34 -24.96
CA PHE A 245 -14.36 20.75 -25.20
C PHE A 245 -13.58 19.73 -26.03
N GLU A 246 -14.28 18.76 -26.63
CA GLU A 246 -13.66 17.61 -27.27
C GLU A 246 -12.67 18.07 -28.33
N SER A 247 -13.12 18.94 -29.25
CA SER A 247 -12.30 19.37 -30.38
C SER A 247 -11.08 20.13 -29.90
N GLU A 248 -11.26 20.97 -28.86
CA GLU A 248 -10.19 21.81 -28.34
C GLU A 248 -9.09 20.94 -27.73
N ILE A 249 -9.49 19.90 -26.97
CA ILE A 249 -8.56 19.01 -26.31
C ILE A 249 -7.72 18.28 -27.36
N LEU A 250 -8.40 17.70 -28.35
CA LEU A 250 -7.74 16.90 -29.38
C LEU A 250 -6.76 17.76 -30.18
N GLU A 251 -7.18 19.00 -30.48
CA GLU A 251 -6.36 19.96 -31.19
C GLU A 251 -5.09 20.24 -30.37
N ALA A 252 -5.27 20.53 -29.07
CA ALA A 252 -4.16 20.86 -28.19
C ALA A 252 -3.14 19.71 -28.16
N ILE A 253 -3.64 18.48 -27.98
CA ILE A 253 -2.77 17.32 -27.82
C ILE A 253 -1.97 17.08 -29.10
N SER A 254 -2.60 17.31 -30.26
CA SER A 254 -1.97 17.05 -31.55
C SER A 254 -0.83 18.03 -31.80
N GLN A 255 -0.94 19.25 -31.27
CA GLN A 255 -0.01 20.32 -31.58
C GLN A 255 1.09 20.44 -30.52
N ASN A 256 0.94 19.76 -29.37
CA ASN A 256 1.84 19.97 -28.24
C ASN A 256 2.26 18.64 -27.62
N SER A 257 3.56 18.53 -27.30
CA SER A 257 4.11 17.36 -26.64
C SER A 257 3.48 17.14 -25.27
N VAL A 258 3.20 18.23 -24.55
CA VAL A 258 2.58 18.16 -23.24
C VAL A 258 1.43 19.17 -23.21
N ILE A 259 0.32 18.78 -22.57
CA ILE A 259 -0.73 19.71 -22.19
C ILE A 259 -1.20 19.39 -20.77
N ILE A 260 -1.90 20.35 -20.17
CA ILE A 260 -2.65 20.16 -18.94
C ILE A 260 -4.13 20.33 -19.26
N ILE A 261 -4.95 19.43 -18.71
CA ILE A 261 -6.40 19.58 -18.78
C ILE A 261 -6.89 19.86 -17.37
N ARG A 262 -7.51 21.04 -17.20
CA ARG A 262 -7.89 21.54 -15.90
C ARG A 262 -9.40 21.76 -15.87
N GLY A 263 -10.07 21.17 -14.89
CA GLY A 263 -11.50 21.35 -14.74
C GLY A 263 -12.04 20.73 -13.46
N ALA A 264 -13.28 21.09 -13.11
CA ALA A 264 -13.90 20.63 -11.87
C ALA A 264 -14.08 19.11 -11.91
N THR A 265 -14.10 18.50 -10.72
CA THR A 265 -14.37 17.10 -10.55
C THR A 265 -15.80 16.80 -10.97
N GLY A 266 -15.96 15.82 -11.88
CA GLY A 266 -17.26 15.42 -12.39
C GLY A 266 -17.51 15.88 -13.82
N CYS A 267 -16.54 16.58 -14.42
CA CYS A 267 -16.67 17.08 -15.79
C CYS A 267 -16.53 15.94 -16.80
N GLY A 268 -15.70 14.95 -16.45
CA GLY A 268 -15.50 13.76 -17.27
C GLY A 268 -14.10 13.67 -17.87
N LYS A 269 -13.09 14.17 -17.16
CA LYS A 269 -11.73 14.14 -17.66
C LYS A 269 -11.21 12.70 -17.70
N THR A 270 -11.41 11.98 -16.58
CA THR A 270 -10.83 10.65 -16.40
C THR A 270 -11.44 9.65 -17.39
N THR A 271 -12.78 9.61 -17.47
CA THR A 271 -13.45 8.57 -18.22
C THR A 271 -13.51 8.90 -19.71
N GLN A 272 -13.54 10.19 -20.08
CA GLN A 272 -13.85 10.57 -21.46
C GLN A 272 -12.58 10.89 -22.27
N VAL A 273 -11.58 11.55 -21.66
CA VAL A 273 -10.46 12.08 -22.42
C VAL A 273 -9.72 10.97 -23.14
N PRO A 274 -9.43 9.81 -22.49
CA PRO A 274 -8.77 8.70 -23.19
C PRO A 274 -9.60 8.13 -24.35
N GLN A 275 -10.93 8.10 -24.18
CA GLN A 275 -11.84 7.64 -25.22
C GLN A 275 -11.83 8.62 -26.39
N PHE A 276 -11.86 9.93 -26.09
CA PHE A 276 -11.82 10.97 -27.11
C PHE A 276 -10.60 10.76 -27.99
N ILE A 277 -9.44 10.50 -27.38
CA ILE A 277 -8.19 10.34 -28.10
C ILE A 277 -8.28 9.10 -29.00
N LEU A 278 -8.72 7.98 -28.42
CA LEU A 278 -8.75 6.71 -29.14
C LEU A 278 -9.70 6.82 -30.32
N ASP A 279 -10.94 7.28 -30.06
CA ASP A 279 -11.96 7.36 -31.09
C ASP A 279 -11.55 8.30 -32.21
N ASP A 280 -10.76 9.33 -31.87
CA ASP A 280 -10.21 10.23 -32.88
C ASP A 280 -9.30 9.45 -33.84
N PHE A 281 -8.44 8.58 -33.30
CA PHE A 281 -7.54 7.77 -34.11
C PHE A 281 -8.32 6.71 -34.89
N ILE A 282 -9.35 6.12 -34.26
CA ILE A 282 -10.17 5.11 -34.90
C ILE A 282 -10.89 5.74 -36.11
N GLN A 283 -11.56 6.86 -35.89
CA GLN A 283 -12.45 7.45 -36.89
C GLN A 283 -11.67 8.11 -38.03
N ASN A 284 -10.38 8.37 -37.83
CA ASN A 284 -9.55 8.95 -38.88
C ASN A 284 -8.60 7.91 -39.45
N ASP A 285 -8.97 6.62 -39.33
CA ASP A 285 -8.35 5.52 -40.05
C ASP A 285 -6.91 5.29 -39.58
N ARG A 286 -6.65 5.52 -38.29
CA ARG A 286 -5.31 5.37 -37.74
C ARG A 286 -5.35 4.69 -36.37
N ALA A 287 -6.30 3.76 -36.19
CA ALA A 287 -6.49 3.08 -34.92
C ALA A 287 -5.19 2.42 -34.45
N ALA A 288 -4.37 1.97 -35.41
CA ALA A 288 -3.17 1.20 -35.12
C ALA A 288 -2.09 2.06 -34.47
N GLU A 289 -2.19 3.39 -34.61
CA GLU A 289 -1.16 4.29 -34.13
C GLU A 289 -1.49 4.81 -32.72
N CYS A 290 -2.49 4.19 -32.06
CA CYS A 290 -2.96 4.66 -30.77
C CYS A 290 -2.83 3.57 -29.71
N ASN A 291 -1.94 3.82 -28.73
CA ASN A 291 -1.88 3.05 -27.50
C ASN A 291 -1.71 4.03 -26.35
N ILE A 292 -2.68 4.03 -25.41
CA ILE A 292 -2.75 5.03 -24.36
C ILE A 292 -2.49 4.35 -23.02
N VAL A 293 -1.53 4.91 -22.25
CA VAL A 293 -1.34 4.59 -20.85
C VAL A 293 -2.00 5.68 -20.01
N VAL A 294 -2.82 5.28 -19.04
CA VAL A 294 -3.41 6.22 -18.09
C VAL A 294 -3.02 5.78 -16.68
N THR A 295 -2.28 6.65 -15.98
CA THR A 295 -1.86 6.36 -14.61
C THR A 295 -2.92 6.89 -13.65
N GLN A 296 -3.18 6.11 -12.59
CA GLN A 296 -4.03 6.52 -11.49
C GLN A 296 -3.24 6.42 -10.19
N PRO A 297 -3.41 7.35 -9.23
CA PRO A 297 -2.71 7.26 -7.94
C PRO A 297 -3.20 6.13 -7.02
N ARG A 298 -4.40 5.59 -7.29
CA ARG A 298 -4.96 4.52 -6.46
C ARG A 298 -5.18 3.25 -7.27
N ARG A 299 -5.04 2.10 -6.60
CA ARG A 299 -5.36 0.79 -7.14
C ARG A 299 -6.84 0.73 -7.53
N ILE A 300 -7.71 1.18 -6.62
CA ILE A 300 -9.15 1.08 -6.79
C ILE A 300 -9.59 1.90 -8.01
N SER A 301 -8.91 3.01 -8.27
CA SER A 301 -9.25 3.87 -9.40
C SER A 301 -8.84 3.24 -10.72
N ALA A 302 -7.65 2.63 -10.78
CA ALA A 302 -7.14 2.02 -12.00
C ALA A 302 -8.09 0.91 -12.48
N VAL A 303 -8.55 0.10 -11.53
CA VAL A 303 -9.44 -1.01 -11.81
C VAL A 303 -10.84 -0.48 -12.16
N SER A 304 -11.37 0.42 -11.33
CA SER A 304 -12.74 0.85 -11.43
C SER A 304 -12.97 1.69 -12.68
N VAL A 305 -11.97 2.50 -13.05
CA VAL A 305 -12.07 3.35 -14.23
C VAL A 305 -12.03 2.47 -15.48
N ALA A 306 -11.15 1.47 -15.48
CA ALA A 306 -11.03 0.53 -16.59
C ALA A 306 -12.37 -0.19 -16.83
N GLU A 307 -13.06 -0.56 -15.75
CA GLU A 307 -14.33 -1.26 -15.86
C GLU A 307 -15.43 -0.29 -16.31
N ARG A 308 -15.34 0.96 -15.85
CA ARG A 308 -16.31 1.98 -16.20
C ARG A 308 -16.19 2.33 -17.67
N VAL A 309 -14.97 2.56 -18.14
CA VAL A 309 -14.74 2.93 -19.53
C VAL A 309 -15.14 1.78 -20.43
N ALA A 310 -14.78 0.54 -20.05
CA ALA A 310 -15.13 -0.64 -20.81
C ALA A 310 -16.65 -0.73 -20.96
N TYR A 311 -17.39 -0.51 -19.87
CA TYR A 311 -18.84 -0.51 -19.89
C TYR A 311 -19.37 0.58 -20.82
N GLU A 312 -18.70 1.74 -20.84
CA GLU A 312 -19.10 2.86 -21.70
C GLU A 312 -18.85 2.55 -23.17
N ARG A 313 -18.00 1.54 -23.45
CA ARG A 313 -17.71 1.14 -24.82
C ARG A 313 -18.40 -0.19 -25.16
N GLY A 314 -19.29 -0.63 -24.27
CA GLY A 314 -20.07 -1.85 -24.50
C GLY A 314 -19.21 -3.11 -24.43
N GLU A 315 -18.22 -3.11 -23.54
CA GLU A 315 -17.28 -4.22 -23.41
C GLU A 315 -17.07 -4.58 -21.94
N GLU A 316 -16.47 -5.75 -21.73
CA GLU A 316 -15.77 -6.07 -20.50
C GLU A 316 -14.33 -5.59 -20.64
N PRO A 317 -13.58 -5.41 -19.53
CA PRO A 317 -12.14 -5.17 -19.63
C PRO A 317 -11.46 -6.32 -20.35
N GLY A 318 -10.51 -6.00 -21.23
CA GLY A 318 -9.78 -7.02 -21.98
C GLY A 318 -9.82 -6.79 -23.48
N LYS A 319 -10.62 -5.81 -23.94
CA LYS A 319 -10.73 -5.52 -25.35
C LYS A 319 -10.08 -4.15 -25.62
N SER A 320 -10.87 -3.07 -25.68
CA SER A 320 -10.30 -1.76 -25.93
C SER A 320 -9.68 -1.18 -24.65
N CYS A 321 -10.14 -1.66 -23.49
CA CYS A 321 -9.65 -1.19 -22.21
C CYS A 321 -9.16 -2.36 -21.37
N GLY A 322 -8.19 -2.06 -20.50
CA GLY A 322 -7.67 -3.02 -19.54
C GLY A 322 -7.06 -2.30 -18.35
N TYR A 323 -6.57 -3.05 -17.38
CA TYR A 323 -5.91 -2.46 -16.23
C TYR A 323 -4.72 -3.30 -15.81
N SER A 324 -3.84 -2.68 -15.03
CA SER A 324 -2.66 -3.33 -14.52
C SER A 324 -2.28 -2.66 -13.19
N VAL A 325 -2.51 -3.38 -12.10
CA VAL A 325 -2.14 -2.91 -10.77
C VAL A 325 -1.12 -3.89 -10.21
N ARG A 326 -0.65 -3.64 -8.98
CA ARG A 326 0.30 -4.55 -8.36
C ARG A 326 -0.40 -5.88 -8.14
N PHE A 327 0.10 -6.92 -8.81
CA PHE A 327 -0.32 -8.31 -8.61
C PHE A 327 -1.68 -8.62 -9.22
N GLU A 328 -2.17 -7.79 -10.15
CA GLU A 328 -3.42 -8.08 -10.85
C GLU A 328 -3.49 -7.26 -12.12
N SER A 329 -3.87 -7.91 -13.23
CA SER A 329 -4.04 -7.21 -14.49
C SER A 329 -5.04 -7.95 -15.39
N VAL A 330 -5.80 -7.18 -16.17
CA VAL A 330 -6.51 -7.69 -17.33
C VAL A 330 -6.03 -6.86 -18.53
N LEU A 331 -5.14 -7.45 -19.34
CA LEU A 331 -4.46 -6.71 -20.40
C LEU A 331 -5.44 -6.45 -21.55
N PRO A 332 -5.42 -5.23 -22.14
CA PRO A 332 -6.23 -4.96 -23.32
C PRO A 332 -5.61 -5.58 -24.58
N ARG A 333 -6.35 -5.51 -25.69
CA ARG A 333 -5.86 -5.97 -26.97
C ARG A 333 -4.62 -5.17 -27.35
N PRO A 334 -3.75 -5.69 -28.24
CA PRO A 334 -2.48 -5.02 -28.59
C PRO A 334 -2.59 -3.69 -29.33
N HIS A 335 -3.74 -3.45 -30.00
CA HIS A 335 -3.89 -2.31 -30.88
C HIS A 335 -5.09 -1.45 -30.45
N ALA A 336 -4.97 -0.13 -30.67
CA ALA A 336 -6.08 0.78 -30.47
C ALA A 336 -6.69 0.55 -29.08
N SER A 337 -5.85 0.73 -28.04
CA SER A 337 -6.21 0.23 -26.72
C SER A 337 -5.72 1.18 -25.63
N ILE A 338 -6.45 1.15 -24.51
CA ILE A 338 -6.18 1.98 -23.35
C ILE A 338 -5.85 1.08 -22.16
N MET A 339 -4.77 1.42 -21.46
CA MET A 339 -4.34 0.70 -20.27
C MET A 339 -4.35 1.65 -19.08
N PHE A 340 -5.23 1.40 -18.11
CA PHE A 340 -5.24 2.13 -16.86
C PHE A 340 -4.39 1.37 -15.84
N CYS A 341 -3.40 2.04 -15.24
CA CYS A 341 -2.50 1.37 -14.31
C CYS A 341 -2.15 2.29 -13.14
N THR A 342 -1.59 1.67 -12.10
CA THR A 342 -0.93 2.39 -11.02
C THR A 342 0.45 2.81 -11.50
N VAL A 343 1.04 3.80 -10.83
CA VAL A 343 2.30 4.40 -11.28
C VAL A 343 3.43 3.40 -11.11
N GLY A 344 3.42 2.67 -9.98
CA GLY A 344 4.45 1.69 -9.69
C GLY A 344 4.59 0.62 -10.77
N VAL A 345 3.45 0.16 -11.29
CA VAL A 345 3.41 -0.83 -12.37
C VAL A 345 4.18 -0.29 -13.57
N LEU A 346 3.86 0.94 -13.98
CA LEU A 346 4.48 1.54 -15.15
C LEU A 346 5.99 1.66 -14.93
N LEU A 347 6.40 2.11 -13.73
CA LEU A 347 7.81 2.36 -13.45
C LEU A 347 8.62 1.07 -13.54
N ARG A 348 8.07 -0.05 -13.05
CA ARG A 348 8.78 -1.33 -13.07
C ARG A 348 9.00 -1.79 -14.52
N LYS A 349 8.08 -1.39 -15.42
CA LYS A 349 8.15 -1.78 -16.82
C LYS A 349 9.14 -0.91 -17.60
N LEU A 350 9.54 0.24 -17.04
CA LEU A 350 10.25 1.26 -17.81
C LEU A 350 11.74 0.95 -17.95
N GLU A 351 12.22 -0.16 -17.38
CA GLU A 351 13.64 -0.48 -17.50
C GLU A 351 13.95 -0.94 -18.93
N ALA A 352 12.90 -1.28 -19.70
CA ALA A 352 13.03 -1.60 -21.11
C ALA A 352 12.57 -0.44 -21.98
N GLY A 353 12.21 0.70 -21.35
CA GLY A 353 11.74 1.88 -22.06
C GLY A 353 10.22 1.96 -22.11
N ILE A 354 9.70 3.07 -22.66
CA ILE A 354 8.30 3.20 -23.00
C ILE A 354 8.14 2.76 -24.45
N ARG A 355 7.74 1.50 -24.63
CA ARG A 355 7.81 0.83 -25.93
C ARG A 355 6.39 0.67 -26.50
N GLY A 356 6.11 1.41 -27.59
CA GLY A 356 4.92 1.19 -28.39
C GLY A 356 3.70 1.94 -27.86
N ILE A 357 3.93 3.15 -27.35
CA ILE A 357 2.89 3.95 -26.70
C ILE A 357 2.88 5.33 -27.36
N SER A 358 1.67 5.86 -27.60
CA SER A 358 1.51 7.12 -28.27
C SER A 358 1.17 8.23 -27.26
N HIS A 359 0.44 7.86 -26.19
CA HIS A 359 -0.02 8.83 -25.21
C HIS A 359 0.22 8.29 -23.80
N VAL A 360 0.76 9.15 -22.93
CA VAL A 360 0.80 8.89 -21.50
C VAL A 360 -0.07 9.96 -20.82
N ILE A 361 -1.17 9.53 -20.22
CA ILE A 361 -2.05 10.41 -19.48
C ILE A 361 -1.77 10.21 -17.99
N VAL A 362 -1.33 11.29 -17.33
CA VAL A 362 -1.09 11.26 -15.89
C VAL A 362 -2.27 11.95 -15.21
N ASP A 363 -3.09 11.17 -14.51
CA ASP A 363 -4.36 11.67 -14.02
C ASP A 363 -4.25 12.04 -12.54
N GLU A 364 -5.06 13.02 -12.14
CA GLU A 364 -5.20 13.45 -10.75
C GLU A 364 -3.85 13.93 -10.20
N ILE A 365 -3.15 14.78 -10.96
CA ILE A 365 -1.82 15.25 -10.57
C ILE A 365 -1.88 16.12 -9.32
N HIS A 366 -3.06 16.69 -9.04
CA HIS A 366 -3.26 17.61 -7.93
C HIS A 366 -3.21 16.90 -6.57
N GLU A 367 -3.32 15.56 -6.56
CA GLU A 367 -3.30 14.81 -5.31
C GLU A 367 -1.89 14.75 -4.74
N ARG A 368 -0.88 14.95 -5.59
CA ARG A 368 0.52 14.94 -5.18
C ARG A 368 0.85 13.59 -4.55
N ASP A 369 0.34 12.53 -5.20
CA ASP A 369 0.80 11.17 -4.99
C ASP A 369 2.30 11.11 -5.31
N ILE A 370 3.10 10.53 -4.41
CA ILE A 370 4.55 10.63 -4.53
C ILE A 370 5.04 9.98 -5.83
N ASN A 371 4.51 8.79 -6.15
CA ASN A 371 4.94 8.07 -7.33
C ASN A 371 4.59 8.87 -8.59
N THR A 372 3.46 9.59 -8.55
CA THR A 372 3.06 10.45 -9.65
C THR A 372 4.06 11.60 -9.81
N ASP A 373 4.33 12.32 -8.71
CA ASP A 373 5.36 13.36 -8.72
C ASP A 373 6.66 12.81 -9.32
N PHE A 374 7.08 11.63 -8.85
CA PHE A 374 8.30 11.00 -9.34
C PHE A 374 8.24 10.76 -10.85
N LEU A 375 7.12 10.24 -11.33
CA LEU A 375 6.96 9.92 -12.75
C LEU A 375 7.07 11.20 -13.58
N LEU A 376 6.52 12.32 -13.08
CA LEU A 376 6.57 13.57 -13.81
C LEU A 376 8.01 13.96 -14.09
N VAL A 377 8.92 13.65 -13.17
CA VAL A 377 10.34 13.93 -13.36
C VAL A 377 10.85 13.12 -14.56
N VAL A 378 10.48 11.84 -14.59
CA VAL A 378 10.91 10.93 -15.65
C VAL A 378 10.38 11.45 -16.99
N LEU A 379 9.08 11.77 -17.01
CA LEU A 379 8.40 12.11 -18.25
C LEU A 379 8.93 13.42 -18.83
N ARG A 380 9.33 14.36 -17.98
CA ARG A 380 9.85 15.64 -18.46
C ARG A 380 11.14 15.42 -19.23
N ASP A 381 11.99 14.49 -18.77
CA ASP A 381 13.20 14.15 -19.50
C ASP A 381 12.85 13.44 -20.80
N VAL A 382 11.84 12.54 -20.74
CA VAL A 382 11.41 11.78 -21.91
C VAL A 382 10.96 12.74 -23.01
N VAL A 383 10.07 13.68 -22.67
CA VAL A 383 9.40 14.51 -23.66
C VAL A 383 10.38 15.49 -24.28
N GLN A 384 11.42 15.87 -23.52
CA GLN A 384 12.46 16.76 -24.02
C GLN A 384 13.27 16.05 -25.11
N ALA A 385 13.61 14.79 -24.86
CA ALA A 385 14.47 14.01 -25.75
C ALA A 385 13.65 13.34 -26.86
N TYR A 386 12.34 13.17 -26.64
CA TYR A 386 11.48 12.46 -27.56
C TYR A 386 10.15 13.21 -27.72
N PRO A 387 10.14 14.38 -28.41
CA PRO A 387 8.95 15.25 -28.41
C PRO A 387 7.75 14.78 -29.22
N GLU A 388 7.88 13.64 -29.91
CA GLU A 388 6.76 13.08 -30.67
C GLU A 388 5.81 12.35 -29.73
N VAL A 389 6.25 12.00 -28.52
CA VAL A 389 5.38 11.42 -27.53
C VAL A 389 4.36 12.47 -27.13
N ARG A 390 3.17 12.01 -26.68
CA ARG A 390 2.16 12.90 -26.14
C ARG A 390 1.99 12.60 -24.66
N ILE A 391 2.06 13.66 -23.85
CA ILE A 391 1.82 13.59 -22.42
C ILE A 391 0.60 14.46 -22.13
N VAL A 392 -0.30 13.95 -21.28
CA VAL A 392 -1.48 14.69 -20.89
C VAL A 392 -1.62 14.60 -19.37
N LEU A 393 -1.45 15.74 -18.69
CA LEU A 393 -1.64 15.81 -17.25
C LEU A 393 -3.04 16.35 -16.99
N MET A 394 -3.77 15.72 -16.06
CA MET A 394 -5.14 16.11 -15.81
C MET A 394 -5.31 16.45 -14.33
N SER A 395 -6.01 17.56 -14.06
CA SER A 395 -6.00 18.19 -12.75
C SER A 395 -7.37 18.76 -12.41
N ALA A 396 -7.69 18.74 -11.11
CA ALA A 396 -8.85 19.43 -10.56
C ALA A 396 -8.60 20.95 -10.61
N THR A 397 -9.58 21.73 -10.14
CA THR A 397 -9.48 23.18 -10.11
C THR A 397 -8.51 23.61 -9.00
N ILE A 398 -7.22 23.57 -9.31
CA ILE A 398 -6.19 24.11 -8.45
C ILE A 398 -5.30 25.02 -9.28
N ASP A 399 -4.33 25.66 -8.62
CA ASP A 399 -3.30 26.42 -9.31
C ASP A 399 -2.31 25.42 -9.91
N THR A 400 -2.23 25.39 -11.25
CA THR A 400 -1.38 24.43 -11.95
C THR A 400 -0.15 25.12 -12.54
N SER A 401 0.10 26.37 -12.14
CA SER A 401 1.28 27.12 -12.56
C SER A 401 2.53 26.27 -12.42
N MET A 402 2.67 25.66 -11.24
CA MET A 402 3.84 24.88 -10.87
C MET A 402 4.11 23.81 -11.92
N PHE A 403 3.06 23.09 -12.33
CA PHE A 403 3.18 22.03 -13.32
C PHE A 403 3.42 22.63 -14.71
N CYS A 404 2.69 23.71 -15.01
CA CYS A 404 2.81 24.39 -16.29
C CYS A 404 4.27 24.79 -16.54
N GLU A 405 4.87 25.48 -15.56
CA GLU A 405 6.25 25.96 -15.68
C GLU A 405 7.22 24.79 -15.80
N TYR A 406 6.94 23.71 -15.06
CA TYR A 406 7.80 22.54 -15.04
C TYR A 406 7.91 21.94 -16.44
N PHE A 407 6.76 21.86 -17.14
CA PHE A 407 6.72 21.27 -18.46
C PHE A 407 6.73 22.38 -19.52
N PHE A 408 7.70 23.30 -19.40
CA PHE A 408 8.05 24.25 -20.45
C PHE A 408 6.84 25.09 -20.84
N ASN A 409 6.11 25.60 -19.83
CA ASN A 409 4.96 26.46 -20.02
C ASN A 409 4.06 25.88 -21.11
N CYS A 410 3.58 24.65 -20.85
CA CYS A 410 2.68 23.94 -21.75
C CYS A 410 1.29 24.58 -21.70
N PRO A 411 0.43 24.36 -22.71
CA PRO A 411 -0.95 24.85 -22.66
C PRO A 411 -1.76 24.28 -21.51
N ILE A 412 -2.71 25.09 -21.02
CA ILE A 412 -3.72 24.66 -20.07
C ILE A 412 -5.08 24.75 -20.77
N ILE A 413 -5.79 23.61 -20.83
CA ILE A 413 -7.12 23.56 -21.43
C ILE A 413 -8.13 23.53 -20.29
N GLU A 414 -8.94 24.59 -20.18
CA GLU A 414 -9.91 24.72 -19.10
C GLU A 414 -11.18 23.97 -19.48
N VAL A 415 -11.76 23.26 -18.51
CA VAL A 415 -13.01 22.52 -18.68
C VAL A 415 -13.93 22.86 -17.51
N TYR A 416 -15.22 23.05 -17.82
CA TYR A 416 -16.20 23.49 -16.83
C TYR A 416 -17.61 23.08 -17.28
N GLY A 417 -18.55 23.14 -16.34
CA GLY A 417 -19.95 22.81 -16.61
C GLY A 417 -20.89 23.45 -15.59
N ARG A 418 -22.05 22.82 -15.38
CA ARG A 418 -23.08 23.34 -14.49
C ARG A 418 -22.58 23.29 -13.04
N THR A 419 -22.39 24.49 -12.46
CA THR A 419 -22.05 24.61 -11.05
C THR A 419 -23.19 25.33 -10.32
N TYR A 420 -23.63 24.75 -9.21
CA TYR A 420 -24.67 25.34 -8.37
C TYR A 420 -24.04 25.92 -7.11
N PRO A 421 -24.60 27.00 -6.53
CA PRO A 421 -24.07 27.57 -5.28
C PRO A 421 -24.34 26.63 -4.10
N VAL A 422 -23.37 26.54 -3.19
CA VAL A 422 -23.51 25.71 -2.01
C VAL A 422 -23.41 26.60 -0.78
N GLN A 423 -24.44 26.54 0.08
CA GLN A 423 -24.43 27.22 1.36
C GLN A 423 -23.57 26.40 2.32
N GLU A 424 -22.49 27.02 2.82
CA GLU A 424 -21.56 26.32 3.70
C GLU A 424 -21.85 26.71 5.15
N TYR A 425 -21.70 25.74 6.05
CA TYR A 425 -21.90 25.93 7.47
C TYR A 425 -20.67 25.40 8.21
N PHE A 426 -20.49 25.86 9.45
CA PHE A 426 -19.41 25.39 10.30
C PHE A 426 -20.01 24.84 11.60
N LEU A 427 -19.14 24.35 12.50
CA LEU A 427 -19.58 23.63 13.69
C LEU A 427 -20.54 24.48 14.52
N GLU A 428 -20.33 25.80 14.54
CA GLU A 428 -21.23 26.73 15.23
C GLU A 428 -22.63 26.65 14.63
N ASP A 429 -22.68 26.75 13.30
CA ASP A 429 -23.95 26.75 12.57
C ASP A 429 -24.65 25.40 12.76
N CYS A 430 -23.88 24.30 12.72
CA CYS A 430 -24.44 22.95 12.79
C CYS A 430 -25.09 22.71 14.15
N ILE A 431 -24.42 23.12 15.23
CA ILE A 431 -24.89 22.91 16.59
C ILE A 431 -26.19 23.69 16.81
N GLN A 432 -26.27 24.90 16.26
CA GLN A 432 -27.36 25.81 16.54
C GLN A 432 -28.65 25.36 15.84
N MET A 433 -28.55 24.93 14.58
CA MET A 433 -29.75 24.61 13.81
C MET A 433 -30.28 23.22 14.18
N THR A 434 -29.44 22.40 14.84
CA THR A 434 -29.86 21.09 15.32
C THR A 434 -30.23 21.14 16.81
N HIS A 435 -29.83 22.22 17.50
CA HIS A 435 -30.01 22.35 18.94
C HIS A 435 -29.30 21.20 19.65
N PHE A 436 -28.16 20.78 19.10
CA PHE A 436 -27.44 19.61 19.58
C PHE A 436 -26.73 19.94 20.90
N VAL A 437 -26.74 18.97 21.82
CA VAL A 437 -26.09 19.08 23.11
C VAL A 437 -25.25 17.82 23.33
N PRO A 438 -23.91 17.93 23.43
CA PRO A 438 -23.06 16.75 23.62
C PRO A 438 -23.12 16.20 25.05
N PRO A 439 -22.70 14.92 25.26
CA PRO A 439 -22.73 14.30 26.58
C PRO A 439 -22.11 15.15 27.70
N ALA A 458 -4.93 26.51 21.04
CA ALA A 458 -4.91 25.13 20.50
C ALA A 458 -6.33 24.63 20.24
N ASN A 459 -7.21 24.82 21.22
CA ASN A 459 -8.60 24.36 21.15
C ASN A 459 -9.48 25.46 20.56
N CYS A 460 -9.84 25.31 19.29
CA CYS A 460 -10.62 26.32 18.57
C CYS A 460 -12.12 26.14 18.79
N ASN A 461 -12.51 25.15 19.61
CA ASN A 461 -13.91 24.97 19.98
C ASN A 461 -14.24 25.85 21.19
N LEU A 462 -13.21 26.42 21.85
CA LEU A 462 -13.40 27.34 22.94
C LEU A 462 -13.64 28.75 22.42
N ILE A 463 -13.35 28.98 21.14
CA ILE A 463 -13.57 30.27 20.50
C ILE A 463 -14.86 30.18 19.68
N CYS A 464 -15.70 31.22 19.80
CA CYS A 464 -16.96 31.29 19.09
C CYS A 464 -17.46 32.73 19.04
N GLY A 465 -18.00 33.14 17.89
CA GLY A 465 -18.46 34.50 17.68
C GLY A 465 -19.62 34.88 18.61
N ASP A 466 -19.81 36.20 18.79
CA ASP A 466 -20.83 36.72 19.68
C ASP A 466 -22.22 36.58 19.04
N GLU A 467 -22.26 36.51 17.70
CA GLU A 467 -23.51 36.45 16.96
C GLU A 467 -24.18 35.07 17.10
N TYR A 468 -23.50 34.14 17.78
CA TYR A 468 -24.09 32.86 18.14
C TYR A 468 -24.51 32.88 19.60
N GLY A 469 -25.54 32.08 19.94
CA GLY A 469 -26.14 32.09 21.26
C GLY A 469 -25.22 31.47 22.31
N PRO A 470 -25.49 31.72 23.62
CA PRO A 470 -24.65 31.18 24.71
C PRO A 470 -24.60 29.66 24.82
N GLU A 471 -25.68 28.98 24.43
CA GLU A 471 -25.74 27.53 24.54
C GLU A 471 -24.91 26.89 23.42
N THR A 472 -24.89 27.53 22.25
CA THR A 472 -24.06 27.08 21.13
C THR A 472 -22.59 27.12 21.55
N ARG A 473 -22.18 28.26 22.11
CA ARG A 473 -20.82 28.47 22.61
C ARG A 473 -20.50 27.40 23.66
N MET A 474 -21.46 27.14 24.56
CA MET A 474 -21.28 26.20 25.64
C MET A 474 -21.17 24.77 25.10
N SER A 475 -22.06 24.43 24.14
CA SER A 475 -22.10 23.09 23.55
C SER A 475 -20.81 22.79 22.80
N MET A 476 -20.43 23.70 21.90
CA MET A 476 -19.25 23.51 21.07
C MET A 476 -18.01 23.36 21.95
N ALA A 477 -17.98 24.10 23.06
CA ALA A 477 -16.84 24.11 23.97
C ALA A 477 -16.65 22.77 24.68
N GLN A 478 -17.63 21.85 24.55
CA GLN A 478 -17.52 20.53 25.15
C GLN A 478 -16.88 19.53 24.18
N LEU A 479 -16.90 19.86 22.88
CA LEU A 479 -16.49 18.91 21.84
C LEU A 479 -14.96 18.88 21.72
N ASN A 480 -14.41 17.67 21.74
CA ASN A 480 -12.99 17.45 21.51
C ASN A 480 -12.73 17.45 20.01
N GLU A 481 -11.72 18.22 19.57
CA GLU A 481 -11.42 18.38 18.16
C GLU A 481 -10.74 17.13 17.59
N LYS A 482 -10.14 16.30 18.46
CA LYS A 482 -9.47 15.08 18.03
C LYS A 482 -10.47 14.01 17.66
N GLU A 483 -11.72 14.15 18.11
CA GLU A 483 -12.81 13.24 17.77
C GLU A 483 -13.70 13.89 16.72
N THR A 484 -14.43 13.05 15.98
CA THR A 484 -15.52 13.52 15.13
C THR A 484 -16.82 13.36 15.91
N PRO A 485 -17.70 14.39 15.95
CA PRO A 485 -18.97 14.28 16.69
C PRO A 485 -19.98 13.43 15.91
N PHE A 486 -20.04 12.14 16.27
CA PHE A 486 -20.89 11.19 15.58
C PHE A 486 -22.36 11.54 15.81
N GLU A 487 -22.68 11.96 17.04
CA GLU A 487 -24.05 12.25 17.43
C GLU A 487 -24.54 13.52 16.74
N LEU A 488 -23.61 14.42 16.40
CA LEU A 488 -23.97 15.62 15.65
C LEU A 488 -24.30 15.27 14.21
N ILE A 489 -23.54 14.34 13.63
CA ILE A 489 -23.78 13.89 12.25
C ILE A 489 -25.17 13.27 12.18
N GLU A 490 -25.51 12.43 13.17
CA GLU A 490 -26.84 11.87 13.32
C GLU A 490 -27.87 12.99 13.33
N ALA A 491 -27.63 14.00 14.17
CA ALA A 491 -28.54 15.14 14.31
C ALA A 491 -28.67 15.91 13.00
N LEU A 492 -27.57 16.01 12.24
CA LEU A 492 -27.56 16.75 10.99
C LEU A 492 -28.36 16.01 9.93
N LEU A 493 -28.30 14.67 9.94
CA LEU A 493 -29.08 13.87 9.01
C LEU A 493 -30.57 14.14 9.22
N LYS A 494 -31.00 14.21 10.49
CA LYS A 494 -32.39 14.46 10.84
C LYS A 494 -32.80 15.86 10.43
N TYR A 495 -31.88 16.84 10.58
CA TYR A 495 -32.16 18.20 10.17
C TYR A 495 -32.39 18.28 8.66
N ILE A 496 -31.63 17.48 7.89
CA ILE A 496 -31.70 17.52 6.43
C ILE A 496 -33.07 17.03 5.96
N GLU A 497 -33.73 16.16 6.75
CA GLU A 497 -35.05 15.67 6.40
C GLU A 497 -36.06 16.80 6.41
N THR A 498 -35.93 17.74 7.36
CA THR A 498 -36.89 18.80 7.58
C THR A 498 -36.86 19.83 6.46
N LEU A 499 -35.82 19.78 5.62
CA LEU A 499 -35.69 20.70 4.49
C LEU A 499 -36.63 20.28 3.36
N ASN A 500 -37.00 19.00 3.33
CA ASN A 500 -37.95 18.46 2.36
C ASN A 500 -37.49 18.80 0.94
N VAL A 501 -36.21 18.56 0.69
CA VAL A 501 -35.66 18.55 -0.66
C VAL A 501 -34.86 17.26 -0.81
N PRO A 502 -35.36 16.25 -1.56
CA PRO A 502 -34.67 14.96 -1.67
C PRO A 502 -33.31 15.08 -2.37
N GLY A 503 -32.38 14.23 -1.94
CA GLY A 503 -31.00 14.27 -2.39
C GLY A 503 -30.10 13.44 -1.46
N ALA A 504 -29.02 12.89 -2.03
CA ALA A 504 -28.12 12.03 -1.27
C ALA A 504 -27.21 12.87 -0.39
N VAL A 505 -26.76 12.27 0.72
CA VAL A 505 -25.83 12.91 1.65
C VAL A 505 -24.50 12.18 1.58
N LEU A 506 -23.42 12.95 1.38
CA LEU A 506 -22.06 12.40 1.33
C LEU A 506 -21.31 12.85 2.59
N VAL A 507 -20.83 11.89 3.38
CA VAL A 507 -20.16 12.18 4.64
C VAL A 507 -18.67 11.82 4.51
N PHE A 508 -17.82 12.84 4.62
CA PHE A 508 -16.37 12.66 4.56
C PHE A 508 -15.83 12.29 5.94
N LEU A 509 -15.38 11.05 6.07
CA LEU A 509 -14.74 10.58 7.30
C LEU A 509 -13.33 10.10 6.97
N PRO A 510 -12.36 10.22 7.91
CA PRO A 510 -10.95 9.95 7.62
C PRO A 510 -10.68 8.55 7.07
N GLY A 511 -11.08 7.52 7.81
CA GLY A 511 -10.75 6.15 7.46
C GLY A 511 -11.88 5.18 7.78
N TRP A 512 -11.60 3.89 7.54
CA TRP A 512 -12.56 2.81 7.70
C TRP A 512 -13.11 2.75 9.13
N ASN A 513 -12.26 3.07 10.11
CA ASN A 513 -12.62 2.99 11.52
C ASN A 513 -13.82 3.89 11.82
N LEU A 514 -13.75 5.15 11.37
CA LEU A 514 -14.79 6.12 11.67
C LEU A 514 -16.01 5.91 10.77
N ILE A 515 -15.82 5.28 9.62
CA ILE A 515 -16.94 4.93 8.75
C ILE A 515 -17.74 3.81 9.42
N TYR A 516 -17.04 2.81 9.94
CA TYR A 516 -17.64 1.67 10.61
C TYR A 516 -18.30 2.12 11.92
N THR A 517 -17.63 3.02 12.64
CA THR A 517 -18.16 3.52 13.91
C THR A 517 -19.45 4.32 13.66
N MET A 518 -19.46 5.11 12.58
CA MET A 518 -20.62 5.92 12.23
C MET A 518 -21.74 5.01 11.74
N GLN A 519 -21.38 3.97 10.96
CA GLN A 519 -22.36 3.08 10.36
C GLN A 519 -23.08 2.29 11.43
N LYS A 520 -22.30 1.67 12.35
CA LYS A 520 -22.84 0.95 13.48
C LYS A 520 -23.76 1.85 14.31
N HIS A 521 -23.34 3.10 14.52
CA HIS A 521 -24.09 4.04 15.34
C HIS A 521 -25.48 4.29 14.76
N LEU A 522 -25.58 4.35 13.42
CA LEU A 522 -26.84 4.66 12.76
C LEU A 522 -27.78 3.46 12.80
N GLU A 523 -27.23 2.25 12.60
CA GLU A 523 -28.06 1.05 12.54
C GLU A 523 -28.49 0.63 13.95
N MET A 524 -27.93 1.26 14.98
CA MET A 524 -28.40 1.08 16.35
C MET A 524 -29.74 1.81 16.55
N ASN A 525 -29.99 2.83 15.72
CA ASN A 525 -31.23 3.59 15.78
C ASN A 525 -32.15 3.12 14.65
N PRO A 526 -33.35 2.55 14.95
CA PRO A 526 -34.30 2.12 13.92
C PRO A 526 -34.72 3.21 12.93
N HIS A 527 -34.68 4.48 13.38
CA HIS A 527 -34.95 5.62 12.53
C HIS A 527 -34.21 5.49 11.20
N PHE A 528 -32.94 5.06 11.24
CA PHE A 528 -32.10 4.97 10.06
C PHE A 528 -32.10 3.55 9.51
N GLY A 529 -33.30 2.97 9.34
CA GLY A 529 -33.45 1.62 8.83
C GLY A 529 -33.72 1.61 7.33
N SER A 530 -33.91 0.40 6.78
CA SER A 530 -34.04 0.18 5.35
C SER A 530 -35.19 0.98 4.74
N HIS A 531 -36.25 1.21 5.54
CA HIS A 531 -37.45 1.86 5.06
C HIS A 531 -37.18 3.33 4.68
N ARG A 532 -36.23 3.96 5.37
CA ARG A 532 -35.98 5.39 5.22
C ARG A 532 -34.58 5.67 4.67
N TYR A 533 -33.62 4.77 4.94
CA TYR A 533 -32.21 5.09 4.72
C TYR A 533 -31.48 3.95 4.03
N GLN A 534 -30.56 4.34 3.14
CA GLN A 534 -29.63 3.43 2.48
C GLN A 534 -28.21 3.94 2.75
N ILE A 535 -27.58 3.38 3.77
CA ILE A 535 -26.29 3.84 4.26
C ILE A 535 -25.20 2.96 3.67
N LEU A 536 -24.34 3.57 2.83
CA LEU A 536 -23.35 2.83 2.07
C LEU A 536 -21.94 3.31 2.43
N PRO A 537 -21.04 2.40 2.85
CA PRO A 537 -19.63 2.74 3.04
C PRO A 537 -18.88 2.82 1.71
N LEU A 538 -17.87 3.69 1.65
CA LEU A 538 -17.03 3.82 0.47
C LEU A 538 -15.58 4.02 0.91
N HIS A 539 -14.79 2.95 0.81
CA HIS A 539 -13.35 3.01 1.08
C HIS A 539 -12.67 1.94 0.21
N SER A 540 -11.35 1.83 0.36
CA SER A 540 -10.53 1.04 -0.55
C SER A 540 -10.84 -0.45 -0.46
N GLN A 541 -11.18 -0.93 0.73
CA GLN A 541 -11.11 -2.35 1.02
C GLN A 541 -12.47 -3.05 0.92
N ILE A 542 -13.54 -2.31 0.60
CA ILE A 542 -14.82 -2.95 0.36
C ILE A 542 -14.83 -3.52 -1.05
N PRO A 543 -15.56 -4.62 -1.32
CA PRO A 543 -15.57 -5.24 -2.66
C PRO A 543 -16.16 -4.30 -3.70
N ARG A 544 -15.76 -4.47 -4.96
CA ARG A 544 -16.17 -3.58 -6.03
C ARG A 544 -17.67 -3.67 -6.25
N GLU A 545 -18.26 -4.82 -5.92
CA GLU A 545 -19.70 -4.99 -5.94
C GLU A 545 -20.35 -3.93 -5.05
N GLU A 546 -19.83 -3.80 -3.81
CA GLU A 546 -20.38 -2.86 -2.85
C GLU A 546 -20.07 -1.42 -3.27
N GLN A 547 -18.93 -1.21 -3.93
CA GLN A 547 -18.50 0.12 -4.37
C GLN A 547 -19.43 0.66 -5.45
N ARG A 548 -19.92 -0.23 -6.33
CA ARG A 548 -20.79 0.17 -7.42
C ARG A 548 -22.13 0.68 -6.89
N LYS A 549 -22.55 0.19 -5.72
CA LYS A 549 -23.87 0.49 -5.19
C LYS A 549 -24.04 1.98 -4.84
N VAL A 550 -22.92 2.72 -4.71
CA VAL A 550 -22.98 4.12 -4.30
C VAL A 550 -23.57 4.96 -5.44
N PHE A 551 -23.41 4.47 -6.68
CA PHE A 551 -23.90 5.18 -7.87
C PHE A 551 -25.37 4.89 -8.13
N ASP A 552 -25.88 3.76 -7.59
CA ASP A 552 -27.24 3.31 -7.89
C ASP A 552 -28.26 4.24 -7.25
N PRO A 553 -29.47 4.37 -7.85
CA PRO A 553 -30.54 5.17 -7.27
C PRO A 553 -31.31 4.41 -6.18
N VAL A 554 -31.98 5.16 -5.31
CA VAL A 554 -32.75 4.59 -4.22
C VAL A 554 -34.23 4.80 -4.49
N PRO A 555 -35.13 3.95 -3.93
CA PRO A 555 -36.57 4.20 -4.03
C PRO A 555 -36.94 5.49 -3.32
N SER A 556 -37.85 6.28 -3.92
CA SER A 556 -38.23 7.58 -3.38
C SER A 556 -38.72 7.40 -1.94
N GLY A 557 -38.43 8.40 -1.10
CA GLY A 557 -38.68 8.32 0.32
C GLY A 557 -37.48 7.80 1.10
N VAL A 558 -36.51 7.20 0.39
CA VAL A 558 -35.27 6.73 0.99
C VAL A 558 -34.16 7.73 0.68
N THR A 559 -33.30 7.97 1.68
CA THR A 559 -32.15 8.85 1.52
C THR A 559 -30.88 8.01 1.45
N LYS A 560 -30.08 8.24 0.40
CA LYS A 560 -28.78 7.61 0.24
C LYS A 560 -27.75 8.40 1.06
N VAL A 561 -27.06 7.71 1.98
CA VAL A 561 -25.99 8.32 2.75
C VAL A 561 -24.69 7.57 2.45
N ILE A 562 -23.69 8.30 1.95
CA ILE A 562 -22.40 7.70 1.61
C ILE A 562 -21.38 8.12 2.68
N LEU A 563 -20.89 7.14 3.44
CA LEU A 563 -19.82 7.35 4.41
C LEU A 563 -18.49 7.05 3.72
N SER A 564 -17.78 8.11 3.32
CA SER A 564 -16.69 7.99 2.35
C SER A 564 -15.36 8.48 2.93
N THR A 565 -14.27 7.89 2.43
CA THR A 565 -12.94 8.47 2.56
C THR A 565 -12.81 9.57 1.50
N ASN A 566 -11.60 10.15 1.39
CA ASN A 566 -11.38 11.28 0.49
C ASN A 566 -11.34 10.83 -0.97
N ILE A 567 -11.65 9.55 -1.24
CA ILE A 567 -11.79 9.04 -2.59
CA ILE A 567 -11.74 9.08 -2.60
C ILE A 567 -12.86 9.84 -3.32
N ALA A 568 -13.89 10.26 -2.57
CA ALA A 568 -15.01 10.99 -3.15
C ALA A 568 -14.75 12.50 -3.18
N GLU A 569 -13.49 12.91 -3.00
CA GLU A 569 -13.14 14.32 -2.94
C GLU A 569 -12.88 14.84 -4.36
N THR A 570 -12.03 14.14 -5.12
CA THR A 570 -11.70 14.57 -6.47
C THR A 570 -11.60 13.43 -7.48
N SER A 571 -11.67 12.16 -7.05
CA SER A 571 -11.44 11.05 -7.97
C SER A 571 -12.76 10.51 -8.52
N ILE A 572 -13.77 10.32 -7.66
CA ILE A 572 -15.06 9.84 -8.11
C ILE A 572 -16.15 10.84 -7.71
N THR A 573 -17.21 10.91 -8.54
CA THR A 573 -18.33 11.81 -8.32
C THR A 573 -19.61 11.01 -8.17
N ILE A 574 -20.21 11.09 -6.98
CA ILE A 574 -21.46 10.41 -6.70
C ILE A 574 -22.61 11.33 -7.10
N ASN A 575 -23.54 10.81 -7.91
CA ASN A 575 -24.61 11.62 -8.47
C ASN A 575 -25.74 11.73 -7.44
N ASP A 576 -26.51 12.82 -7.57
CA ASP A 576 -27.67 13.10 -6.75
C ASP A 576 -27.24 13.53 -5.35
N VAL A 577 -26.02 14.07 -5.22
CA VAL A 577 -25.54 14.60 -3.96
C VAL A 577 -26.01 16.04 -3.84
N VAL A 578 -26.70 16.34 -2.72
CA VAL A 578 -27.17 17.69 -2.42
C VAL A 578 -26.61 18.13 -1.07
N TYR A 579 -26.23 17.19 -0.22
CA TYR A 579 -25.78 17.49 1.14
C TYR A 579 -24.43 16.84 1.38
N VAL A 580 -23.47 17.63 1.88
CA VAL A 580 -22.16 17.14 2.27
C VAL A 580 -21.98 17.43 3.76
N ILE A 581 -21.58 16.41 4.52
CA ILE A 581 -21.14 16.59 5.90
C ILE A 581 -19.65 16.26 5.93
N ASP A 582 -18.83 17.20 6.41
CA ASP A 582 -17.38 17.15 6.28
C ASP A 582 -16.75 17.09 7.66
N SER A 583 -16.03 16.00 7.94
CA SER A 583 -15.29 15.85 9.18
C SER A 583 -14.18 16.90 9.27
N CYS A 584 -13.69 17.35 8.10
CA CYS A 584 -12.58 18.28 7.99
C CYS A 584 -11.26 17.60 8.34
N LYS A 585 -11.24 16.26 8.23
CA LYS A 585 -10.08 15.47 8.61
C LYS A 585 -9.53 14.75 7.38
N GLN A 586 -8.25 14.35 7.46
CA GLN A 586 -7.63 13.47 6.49
C GLN A 586 -7.02 12.29 7.23
N LYS A 587 -6.79 11.19 6.50
CA LYS A 587 -6.02 10.06 7.01
C LYS A 587 -4.68 10.03 6.27
N VAL A 588 -3.57 10.09 7.02
CA VAL A 588 -2.25 10.04 6.43
C VAL A 588 -1.40 9.03 7.21
N LYS A 589 -0.58 8.29 6.48
CA LYS A 589 0.39 7.37 7.07
C LYS A 589 1.71 8.12 7.25
N LEU A 590 2.08 8.37 8.52
CA LEU A 590 3.37 8.96 8.85
C LEU A 590 4.30 7.86 9.36
N PHE A 591 5.57 7.94 8.96
CA PHE A 591 6.58 6.99 9.39
C PHE A 591 7.83 7.76 9.82
N THR A 592 8.31 7.47 11.05
CA THR A 592 9.52 8.06 11.56
C THR A 592 10.58 6.97 11.69
N ALA A 593 11.69 7.12 10.96
CA ALA A 593 12.68 6.08 10.80
C ALA A 593 13.43 5.83 12.11
N HIS A 594 13.64 6.90 12.90
CA HIS A 594 14.53 6.84 14.05
C HIS A 594 14.04 5.80 15.06
N ASN A 595 12.70 5.70 15.23
CA ASN A 595 12.11 4.76 16.18
C ASN A 595 11.27 3.71 15.45
N ASN A 596 11.22 3.78 14.12
CA ASN A 596 10.52 2.80 13.30
C ASN A 596 9.03 2.81 13.66
N MET A 597 8.49 4.02 13.82
CA MET A 597 7.15 4.23 14.34
C MET A 597 6.21 4.54 13.16
N THR A 598 5.11 3.80 13.09
CA THR A 598 4.06 4.05 12.11
C THR A 598 2.90 4.75 12.81
N ASN A 599 2.40 5.84 12.21
CA ASN A 599 1.27 6.58 12.74
C ASN A 599 0.25 6.79 11.63
N TYR A 600 -0.84 6.02 11.68
CA TYR A 600 -2.01 6.27 10.87
C TYR A 600 -2.76 7.44 11.51
N ALA A 601 -2.37 8.66 11.14
CA ALA A 601 -2.75 9.86 11.88
C ALA A 601 -4.02 10.47 11.27
N THR A 602 -4.89 10.94 12.16
CA THR A 602 -6.02 11.77 11.78
C THR A 602 -5.59 13.22 11.92
N VAL A 603 -5.59 13.94 10.79
CA VAL A 603 -5.06 15.30 10.73
C VAL A 603 -6.10 16.20 10.09
N TRP A 604 -5.89 17.51 10.22
CA TRP A 604 -6.75 18.50 9.59
C TRP A 604 -6.57 18.46 8.08
N ALA A 605 -7.71 18.55 7.36
CA ALA A 605 -7.69 18.77 5.93
C ALA A 605 -7.25 20.20 5.64
N SER A 606 -7.05 20.50 4.36
CA SER A 606 -6.66 21.83 3.92
C SER A 606 -7.89 22.64 3.53
N LYS A 607 -7.72 23.97 3.42
CA LYS A 607 -8.76 24.84 2.89
C LYS A 607 -9.18 24.35 1.50
N THR A 608 -8.18 23.95 0.69
CA THR A 608 -8.44 23.44 -0.65
C THR A 608 -9.33 22.21 -0.59
N ASN A 609 -9.06 21.32 0.39
CA ASN A 609 -9.85 20.11 0.57
C ASN A 609 -11.29 20.46 0.92
N LEU A 610 -11.47 21.37 1.88
CA LEU A 610 -12.79 21.79 2.32
C LEU A 610 -13.57 22.41 1.16
N GLU A 611 -12.89 23.19 0.31
CA GLU A 611 -13.52 23.78 -0.86
C GLU A 611 -13.94 22.69 -1.83
N GLN A 612 -13.05 21.71 -2.05
CA GLN A 612 -13.31 20.59 -2.94
C GLN A 612 -14.50 19.77 -2.44
N ARG A 613 -14.52 19.47 -1.13
CA ARG A 613 -15.57 18.69 -0.52
C ARG A 613 -16.90 19.43 -0.57
N LYS A 614 -16.86 20.76 -0.39
CA LYS A 614 -18.04 21.61 -0.49
C LYS A 614 -18.65 21.53 -1.87
N GLY A 615 -17.79 21.49 -2.90
CA GLY A 615 -18.24 21.52 -4.29
C GLY A 615 -18.96 20.25 -4.72
N ARG A 616 -18.83 19.18 -3.92
CA ARG A 616 -19.45 17.91 -4.25
CA ARG A 616 -19.44 17.90 -4.20
C ARG A 616 -20.95 17.97 -3.96
N ALA A 617 -21.41 19.05 -3.31
CA ALA A 617 -22.82 19.22 -2.98
C ALA A 617 -23.56 20.03 -4.03
N GLY A 618 -22.85 20.50 -5.07
CA GLY A 618 -23.41 21.49 -5.99
C GLY A 618 -23.27 21.10 -7.46
N ARG A 619 -23.57 19.84 -7.78
CA ARG A 619 -23.58 19.38 -9.16
C ARG A 619 -25.01 19.09 -9.63
N VAL A 620 -25.98 19.05 -8.72
CA VAL A 620 -27.33 18.63 -9.03
C VAL A 620 -28.28 19.82 -8.87
N ARG A 621 -28.22 20.46 -7.70
CA ARG A 621 -29.03 21.63 -7.41
C ARG A 621 -28.29 22.46 -6.35
N PRO A 622 -28.80 23.64 -5.93
CA PRO A 622 -28.26 24.34 -4.77
C PRO A 622 -28.17 23.40 -3.57
N GLY A 623 -26.97 23.29 -2.99
CA GLY A 623 -26.68 22.28 -1.98
C GLY A 623 -26.26 22.90 -0.65
N PHE A 624 -25.89 22.03 0.30
CA PHE A 624 -25.44 22.45 1.62
C PHE A 624 -24.22 21.62 2.02
N CYS A 625 -23.26 22.29 2.69
CA CYS A 625 -22.07 21.63 3.20
C CYS A 625 -21.91 21.94 4.68
N PHE A 626 -21.88 20.88 5.50
CA PHE A 626 -21.77 21.02 6.95
C PHE A 626 -20.36 20.66 7.39
N HIS A 627 -19.48 21.66 7.47
CA HIS A 627 -18.13 21.49 8.01
C HIS A 627 -18.24 21.35 9.52
N LEU A 628 -17.54 20.35 10.09
CA LEU A 628 -17.64 20.07 11.51
C LEU A 628 -16.47 20.68 12.28
N CYS A 629 -15.72 21.59 11.65
CA CYS A 629 -14.70 22.35 12.35
C CYS A 629 -15.24 23.75 12.68
N SER A 630 -14.71 24.35 13.75
CA SER A 630 -15.05 25.70 14.14
C SER A 630 -14.65 26.69 13.04
N ARG A 631 -15.19 27.91 13.11
CA ARG A 631 -14.84 28.96 12.18
C ARG A 631 -13.46 29.52 12.53
N ALA A 632 -13.06 29.35 13.80
CA ALA A 632 -11.73 29.72 14.25
C ALA A 632 -10.71 28.69 13.76
N ARG A 633 -11.09 27.41 13.80
CA ARG A 633 -10.23 26.33 13.34
C ARG A 633 -9.95 26.51 11.84
N PHE A 634 -11.00 26.84 11.07
CA PHE A 634 -10.86 27.03 9.64
C PHE A 634 -9.71 27.99 9.31
N GLU A 635 -9.62 29.09 10.07
CA GLU A 635 -8.64 30.13 9.80
C GLU A 635 -7.22 29.60 9.99
N ARG A 636 -7.05 28.59 10.86
CA ARG A 636 -5.73 28.06 11.18
C ARG A 636 -5.38 26.85 10.29
N LEU A 637 -6.24 26.52 9.33
CA LEU A 637 -5.95 25.45 8.38
C LEU A 637 -4.92 25.94 7.36
N GLU A 638 -4.04 25.03 6.93
CA GLU A 638 -3.13 25.29 5.84
C GLU A 638 -3.93 25.33 4.54
N THR A 639 -3.38 26.03 3.53
CA THR A 639 -4.04 26.17 2.25
C THR A 639 -3.99 24.85 1.49
N HIS A 640 -2.87 24.12 1.66
CA HIS A 640 -2.63 22.88 0.96
C HIS A 640 -2.09 21.84 1.93
N MET A 641 -2.43 20.57 1.67
CA MET A 641 -1.83 19.45 2.39
C MET A 641 -0.34 19.41 2.04
N THR A 642 0.47 18.91 2.98
CA THR A 642 1.84 18.56 2.71
C THR A 642 1.85 17.50 1.62
N PRO A 643 2.57 17.70 0.49
CA PRO A 643 2.70 16.66 -0.54
C PRO A 643 3.45 15.45 0.02
N GLU A 644 3.19 14.28 -0.56
CA GLU A 644 3.71 13.02 -0.05
C GLU A 644 5.24 12.99 -0.16
N MET A 645 5.77 13.71 -1.15
CA MET A 645 7.20 13.75 -1.40
C MET A 645 7.94 14.23 -0.15
N PHE A 646 7.28 15.04 0.68
CA PHE A 646 7.89 15.65 1.85
C PHE A 646 7.83 14.71 3.07
N ARG A 647 7.05 13.63 3.02
CA ARG A 647 6.75 12.88 4.24
C ARG A 647 6.57 11.39 3.96
N THR A 648 7.31 10.84 3.00
CA THR A 648 7.25 9.41 2.69
C THR A 648 8.66 8.87 2.52
N PRO A 649 8.96 7.65 3.01
CA PRO A 649 10.27 7.02 2.77
C PRO A 649 10.54 6.84 1.28
N LEU A 650 11.81 6.97 0.88
CA LEU A 650 12.18 7.13 -0.52
C LEU A 650 13.01 5.94 -1.02
N HIS A 651 13.22 4.91 -0.19
CA HIS A 651 14.13 3.84 -0.56
C HIS A 651 13.65 3.10 -1.81
N GLU A 652 12.33 2.98 -1.99
CA GLU A 652 11.80 2.27 -3.15
C GLU A 652 11.97 3.13 -4.40
N ILE A 653 11.68 4.44 -4.30
CA ILE A 653 11.94 5.35 -5.39
C ILE A 653 13.43 5.33 -5.73
N ALA A 654 14.30 5.24 -4.71
CA ALA A 654 15.74 5.21 -4.93
C ALA A 654 16.15 3.99 -5.75
N LEU A 655 15.59 2.82 -5.43
CA LEU A 655 15.86 1.61 -6.21
C LEU A 655 15.39 1.79 -7.65
N SER A 656 14.22 2.39 -7.83
CA SER A 656 13.68 2.64 -9.16
C SER A 656 14.64 3.50 -9.98
N ILE A 657 15.17 4.56 -9.37
CA ILE A 657 16.10 5.47 -10.02
C ILE A 657 17.30 4.68 -10.53
N LYS A 658 17.80 3.74 -9.72
CA LYS A 658 18.99 2.99 -10.05
C LYS A 658 18.68 1.93 -11.10
N LEU A 659 17.51 1.29 -11.00
CA LEU A 659 17.12 0.26 -11.96
C LEU A 659 16.96 0.87 -13.34
N LEU A 660 16.43 2.10 -13.41
CA LEU A 660 16.19 2.80 -14.66
C LEU A 660 17.43 3.56 -15.12
N ARG A 661 18.53 3.47 -14.35
CA ARG A 661 19.81 4.07 -14.70
C ARG A 661 19.65 5.56 -14.97
N LEU A 662 18.97 6.27 -14.05
CA LEU A 662 18.68 7.68 -14.22
C LEU A 662 19.72 8.53 -13.49
N GLY A 663 20.75 7.89 -12.94
CA GLY A 663 21.86 8.59 -12.29
C GLY A 663 21.78 8.52 -10.77
N GLY A 664 22.33 9.55 -10.12
CA GLY A 664 22.37 9.61 -8.66
C GLY A 664 20.99 9.82 -8.07
N ILE A 665 20.77 9.26 -6.87
CA ILE A 665 19.48 9.33 -6.19
C ILE A 665 19.17 10.78 -5.81
N GLY A 666 20.08 11.41 -5.07
CA GLY A 666 19.93 12.80 -4.69
C GLY A 666 19.85 13.73 -5.90
N GLN A 667 20.70 13.46 -6.90
CA GLN A 667 20.77 14.25 -8.11
C GLN A 667 19.43 14.25 -8.83
N PHE A 668 18.82 13.07 -8.96
CA PHE A 668 17.57 12.94 -9.72
C PHE A 668 16.42 13.60 -8.95
N LEU A 669 16.36 13.38 -7.64
CA LEU A 669 15.26 13.89 -6.82
C LEU A 669 15.35 15.41 -6.65
N ALA A 670 16.55 15.97 -6.82
CA ALA A 670 16.73 17.41 -6.78
C ALA A 670 16.01 18.08 -7.96
N LYS A 671 15.75 17.32 -9.03
CA LYS A 671 15.10 17.86 -10.22
C LYS A 671 13.58 17.70 -10.13
N ALA A 672 13.06 17.18 -9.02
CA ALA A 672 11.62 17.01 -8.86
C ALA A 672 10.94 18.37 -8.80
N ILE A 673 9.61 18.37 -9.01
CA ILE A 673 8.86 19.61 -9.07
C ILE A 673 8.93 20.31 -7.71
N GLU A 674 8.75 19.53 -6.64
CA GLU A 674 9.07 19.96 -5.29
C GLU A 674 9.94 18.88 -4.67
N PRO A 675 11.28 19.05 -4.61
CA PRO A 675 12.19 18.01 -4.13
C PRO A 675 11.91 17.58 -2.70
N PRO A 676 12.21 16.31 -2.33
CA PRO A 676 12.04 15.85 -0.97
C PRO A 676 13.07 16.49 -0.05
N PRO A 677 12.87 16.45 1.29
CA PRO A 677 13.87 16.96 2.22
C PRO A 677 15.13 16.10 2.22
N LEU A 678 16.26 16.75 2.56
CA LEU A 678 17.56 16.11 2.55
C LEU A 678 17.55 14.83 3.38
N ASP A 679 16.96 14.89 4.58
CA ASP A 679 17.07 13.80 5.55
C ASP A 679 16.45 12.51 4.99
N ALA A 680 15.35 12.64 4.23
CA ALA A 680 14.67 11.49 3.66
C ALA A 680 15.56 10.81 2.62
N VAL A 681 16.31 11.60 1.85
CA VAL A 681 17.23 11.06 0.86
C VAL A 681 18.35 10.31 1.55
N ILE A 682 18.90 10.90 2.62
CA ILE A 682 20.01 10.31 3.36
C ILE A 682 19.54 9.00 4.00
N GLU A 683 18.29 8.98 4.48
CA GLU A 683 17.73 7.81 5.12
C GLU A 683 17.57 6.67 4.09
N ALA A 684 17.15 7.02 2.86
CA ALA A 684 16.97 6.03 1.81
C ALA A 684 18.31 5.43 1.42
N GLU A 685 19.31 6.30 1.19
CA GLU A 685 20.64 5.86 0.83
C GLU A 685 21.20 4.94 1.92
N HIS A 686 21.09 5.38 3.17
CA HIS A 686 21.54 4.60 4.32
C HIS A 686 20.86 3.23 4.33
N THR A 687 19.53 3.22 4.16
CA THR A 687 18.73 2.00 4.21
C THR A 687 19.22 0.99 3.18
N LEU A 688 19.51 1.48 1.97
CA LEU A 688 19.90 0.60 0.86
C LEU A 688 21.33 0.10 1.04
N ARG A 689 22.21 0.94 1.62
CA ARG A 689 23.59 0.53 1.88
C ARG A 689 23.62 -0.58 2.93
N GLU A 690 22.80 -0.42 3.98
CA GLU A 690 22.68 -1.40 5.04
C GLU A 690 22.23 -2.76 4.48
N LEU A 691 21.34 -2.75 3.48
CA LEU A 691 20.85 -3.96 2.86
C LEU A 691 21.87 -4.54 1.87
N ASP A 692 22.90 -3.77 1.53
CA ASP A 692 23.85 -4.11 0.48
C ASP A 692 23.15 -4.13 -0.87
N ALA A 693 22.14 -3.27 -1.03
CA ALA A 693 21.51 -3.03 -2.32
C ALA A 693 22.39 -2.10 -3.15
N LEU A 694 22.99 -1.12 -2.47
CA LEU A 694 24.03 -0.28 -3.06
C LEU A 694 25.39 -0.70 -2.50
N ASP A 695 26.43 -0.60 -3.34
CA ASP A 695 27.81 -0.78 -2.90
C ASP A 695 28.31 0.55 -2.35
N ALA A 696 29.63 0.64 -2.11
CA ALA A 696 30.24 1.83 -1.54
C ALA A 696 30.10 3.03 -2.49
N ASN A 697 30.12 2.77 -3.80
CA ASN A 697 30.02 3.80 -4.82
C ASN A 697 28.55 4.19 -5.06
N ASP A 698 27.62 3.59 -4.30
CA ASP A 698 26.20 3.85 -4.40
C ASP A 698 25.66 3.36 -5.74
N GLU A 699 26.31 2.33 -6.30
CA GLU A 699 25.85 1.68 -7.51
C GLU A 699 25.11 0.40 -7.13
N LEU A 700 24.23 -0.04 -8.03
CA LEU A 700 23.29 -1.11 -7.75
C LEU A 700 24.01 -2.45 -7.81
N THR A 701 23.95 -3.21 -6.71
CA THR A 701 24.52 -4.55 -6.66
C THR A 701 23.53 -5.54 -7.29
N PRO A 702 23.96 -6.78 -7.62
CA PRO A 702 23.02 -7.82 -8.04
C PRO A 702 21.86 -8.02 -7.05
N LEU A 703 22.15 -7.92 -5.75
CA LEU A 703 21.13 -7.99 -4.72
C LEU A 703 20.12 -6.85 -4.92
N GLY A 704 20.64 -5.63 -5.08
CA GLY A 704 19.81 -4.44 -5.27
C GLY A 704 18.91 -4.55 -6.51
N ARG A 705 19.44 -5.12 -7.59
CA ARG A 705 18.70 -5.28 -8.83
C ARG A 705 17.47 -6.14 -8.60
N ILE A 706 17.65 -7.24 -7.87
CA ILE A 706 16.57 -8.16 -7.55
C ILE A 706 15.53 -7.45 -6.68
N LEU A 707 15.98 -6.71 -5.66
CA LEU A 707 15.06 -6.00 -4.79
C LEU A 707 14.27 -4.96 -5.57
N ALA A 708 14.90 -4.36 -6.59
CA ALA A 708 14.28 -3.35 -7.41
C ALA A 708 13.17 -3.95 -8.28
N LYS A 709 13.30 -5.24 -8.64
CA LYS A 709 12.35 -5.91 -9.50
C LYS A 709 11.19 -6.49 -8.70
N LEU A 710 11.34 -6.62 -7.38
CA LEU A 710 10.30 -7.15 -6.52
C LEU A 710 9.41 -6.01 -6.03
N PRO A 711 8.08 -6.04 -6.30
CA PRO A 711 7.18 -4.98 -5.84
C PRO A 711 6.78 -5.16 -4.39
N ILE A 712 7.80 -5.14 -3.52
CA ILE A 712 7.64 -5.43 -2.11
C ILE A 712 8.73 -4.66 -1.37
N GLU A 713 8.50 -4.34 -0.09
CA GLU A 713 9.51 -3.70 0.74
C GLU A 713 10.86 -4.40 0.56
N PRO A 714 11.93 -3.66 0.17
CA PRO A 714 13.25 -4.24 -0.07
C PRO A 714 13.73 -5.25 0.97
N ARG A 715 13.43 -4.98 2.24
CA ARG A 715 13.90 -5.82 3.33
C ARG A 715 13.20 -7.19 3.29
N PHE A 716 11.91 -7.20 2.93
CA PHE A 716 11.20 -8.45 2.76
C PHE A 716 11.70 -9.17 1.51
N GLY A 717 12.06 -8.38 0.48
CA GLY A 717 12.73 -8.92 -0.70
C GLY A 717 14.00 -9.69 -0.33
N LYS A 718 14.81 -9.12 0.58
CA LYS A 718 16.03 -9.77 1.02
C LYS A 718 15.69 -11.01 1.84
N MET A 719 14.64 -10.91 2.67
CA MET A 719 14.19 -12.03 3.48
C MET A 719 13.75 -13.18 2.57
N MET A 720 13.13 -12.85 1.44
CA MET A 720 12.70 -13.84 0.46
C MET A 720 13.90 -14.53 -0.18
N ILE A 721 14.96 -13.77 -0.46
CA ILE A 721 16.17 -14.36 -1.03
C ILE A 721 16.76 -15.36 -0.03
N MET A 722 16.84 -14.95 1.25
CA MET A 722 17.35 -15.82 2.30
C MET A 722 16.46 -17.07 2.40
N GLY A 723 15.15 -16.88 2.27
CA GLY A 723 14.20 -17.98 2.28
C GLY A 723 14.50 -19.00 1.19
N CYS A 724 14.82 -18.53 -0.02
CA CYS A 724 15.18 -19.40 -1.12
C CYS A 724 16.41 -20.23 -0.76
N ILE A 725 17.40 -19.58 -0.14
CA ILE A 725 18.66 -20.23 0.21
C ILE A 725 18.38 -21.39 1.17
N PHE A 726 17.43 -21.21 2.10
CA PHE A 726 17.09 -22.23 3.08
C PHE A 726 16.01 -23.18 2.57
N TYR A 727 15.56 -23.00 1.33
CA TYR A 727 14.55 -23.86 0.71
C TYR A 727 13.21 -23.74 1.43
N VAL A 728 12.86 -22.53 1.85
CA VAL A 728 11.54 -22.25 2.40
C VAL A 728 10.97 -21.02 1.68
N GLY A 729 11.32 -20.89 0.39
CA GLY A 729 10.97 -19.73 -0.41
C GLY A 729 9.47 -19.48 -0.48
N ASP A 730 8.67 -20.55 -0.59
CA ASP A 730 7.24 -20.41 -0.77
C ASP A 730 6.61 -19.74 0.46
N ALA A 731 6.99 -20.21 1.65
CA ALA A 731 6.43 -19.69 2.89
C ALA A 731 6.82 -18.22 3.05
N VAL A 732 8.04 -17.86 2.64
CA VAL A 732 8.53 -16.51 2.85
C VAL A 732 7.91 -15.56 1.82
N CYS A 733 7.64 -16.07 0.61
CA CYS A 733 6.88 -15.32 -0.39
C CYS A 733 5.44 -15.07 0.08
N THR A 734 4.88 -16.00 0.85
CA THR A 734 3.52 -15.88 1.37
C THR A 734 3.45 -14.78 2.44
N ILE A 735 4.41 -14.79 3.37
CA ILE A 735 4.52 -13.75 4.39
C ILE A 735 4.63 -12.39 3.71
N SER A 736 5.49 -12.32 2.69
CA SER A 736 5.79 -11.07 2.00
C SER A 736 4.57 -10.56 1.24
N ALA A 737 3.87 -11.46 0.54
CA ALA A 737 2.69 -11.11 -0.24
C ALA A 737 1.61 -10.54 0.67
N ALA A 738 1.46 -11.12 1.87
CA ALA A 738 0.38 -10.77 2.78
C ALA A 738 0.52 -9.34 3.32
N THR A 739 1.72 -8.74 3.23
CA THR A 739 1.93 -7.40 3.75
C THR A 739 1.26 -6.35 2.85
N CYS A 740 0.88 -6.75 1.63
CA CYS A 740 0.32 -5.81 0.66
C CYS A 740 -1.21 -5.80 0.70
N PHE A 741 -1.81 -6.54 1.65
CA PHE A 741 -3.26 -6.69 1.72
C PHE A 741 -3.72 -6.66 3.17
N PRO A 742 -5.01 -6.35 3.45
CA PRO A 742 -5.54 -6.43 4.80
C PRO A 742 -5.49 -7.85 5.34
N GLU A 743 -5.69 -7.97 6.66
CA GLU A 743 -5.70 -9.25 7.34
C GLU A 743 -6.84 -10.10 6.79
N PRO A 744 -6.63 -11.40 6.47
CA PRO A 744 -7.73 -12.27 6.06
C PRO A 744 -8.71 -12.59 7.19
N PHE A 745 -8.27 -12.51 8.44
CA PHE A 745 -9.16 -12.69 9.59
C PHE A 745 -10.17 -11.54 9.64
N ILE A 746 -11.46 -11.90 9.57
CA ILE A 746 -12.54 -10.96 9.81
C ILE A 746 -12.81 -10.93 11.32
N SER A 747 -12.12 -10.02 12.02
CA SER A 747 -12.15 -9.97 13.47
C SER A 747 -13.03 -8.83 13.97
N GLU A 748 -13.25 -7.81 13.14
CA GLU A 748 -14.15 -6.71 13.43
C GLU A 748 -13.58 -5.85 14.57
N GLY A 749 -12.25 -5.83 14.70
CA GLY A 749 -11.58 -4.99 15.68
C GLY A 749 -11.63 -5.55 17.10
N LYS A 750 -12.19 -6.75 17.26
CA LYS A 750 -12.31 -7.39 18.57
C LYS A 750 -11.15 -8.37 18.77
N ARG A 751 -11.03 -8.90 19.99
CA ARG A 751 -10.09 -9.96 20.27
C ARG A 751 -10.47 -11.20 19.45
N LEU A 752 -9.46 -11.92 18.94
CA LEU A 752 -9.69 -13.10 18.13
C LEU A 752 -10.44 -14.14 18.97
N GLY A 753 -11.34 -14.88 18.30
CA GLY A 753 -12.05 -15.99 18.92
C GLY A 753 -11.30 -17.30 18.77
N TYR A 754 -11.94 -18.39 19.21
CA TYR A 754 -11.33 -19.71 19.28
C TYR A 754 -10.84 -20.16 17.90
N VAL A 755 -11.70 -20.04 16.90
CA VAL A 755 -11.43 -20.61 15.59
C VAL A 755 -10.17 -19.95 15.00
N HIS A 756 -10.10 -18.63 15.07
CA HIS A 756 -8.98 -17.89 14.49
C HIS A 756 -7.69 -18.20 15.24
N ARG A 757 -7.77 -18.31 16.57
CA ARG A 757 -6.61 -18.56 17.42
C ARG A 757 -6.03 -19.95 17.19
N ASN A 758 -6.88 -20.93 16.86
CA ASN A 758 -6.43 -22.30 16.68
C ASN A 758 -5.44 -22.42 15.51
N PHE A 759 -5.57 -21.56 14.50
CA PHE A 759 -4.66 -21.57 13.37
C PHE A 759 -3.22 -21.30 13.82
N ALA A 760 -3.06 -20.73 15.02
CA ALA A 760 -1.75 -20.33 15.53
C ALA A 760 -0.95 -21.51 16.03
N GLY A 761 -1.63 -22.63 16.35
CA GLY A 761 -0.97 -23.76 16.98
C GLY A 761 -0.37 -23.36 18.31
N ASN A 762 0.87 -23.80 18.58
CA ASN A 762 1.52 -23.54 19.85
C ASN A 762 2.73 -22.61 19.65
N ARG A 763 2.72 -21.81 18.57
CA ARG A 763 3.90 -21.05 18.16
C ARG A 763 3.83 -19.60 18.66
N PHE A 764 2.68 -19.19 19.22
CA PHE A 764 2.49 -17.84 19.72
C PHE A 764 2.86 -16.84 18.62
N SER A 765 2.28 -17.03 17.43
CA SER A 765 2.71 -16.35 16.23
C SER A 765 1.53 -16.04 15.30
N ASP A 766 1.30 -14.75 15.03
CA ASP A 766 0.28 -14.34 14.06
C ASP A 766 0.70 -14.76 12.65
N HIS A 767 2.02 -14.82 12.39
CA HIS A 767 2.51 -15.21 11.07
C HIS A 767 2.28 -16.69 10.82
N VAL A 768 2.51 -17.53 11.84
CA VAL A 768 2.21 -18.95 11.72
C VAL A 768 0.71 -19.12 11.48
N ALA A 769 -0.11 -18.33 12.17
CA ALA A 769 -1.56 -18.39 12.00
C ALA A 769 -1.91 -18.11 10.54
N LEU A 770 -1.33 -17.04 9.98
CA LEU A 770 -1.53 -16.68 8.59
C LEU A 770 -1.15 -17.83 7.67
N LEU A 771 0.05 -18.38 7.86
CA LEU A 771 0.54 -19.48 7.04
C LEU A 771 -0.40 -20.67 7.14
N SER A 772 -0.97 -20.91 8.33
CA SER A 772 -1.84 -22.04 8.57
C SER A 772 -3.19 -21.86 7.87
N VAL A 773 -3.72 -20.63 7.82
CA VAL A 773 -4.98 -20.41 7.13
C VAL A 773 -4.77 -20.65 5.63
N PHE A 774 -3.61 -20.25 5.10
CA PHE A 774 -3.31 -20.45 3.69
C PHE A 774 -3.20 -21.93 3.37
N GLN A 775 -2.64 -22.72 4.29
CA GLN A 775 -2.55 -24.17 4.10
C GLN A 775 -3.95 -24.77 4.07
N ALA A 776 -4.78 -24.39 5.05
CA ALA A 776 -6.13 -24.93 5.18
C ALA A 776 -7.01 -24.47 4.01
N TRP A 777 -6.87 -23.21 3.63
CA TRP A 777 -7.66 -22.61 2.55
C TRP A 777 -7.36 -23.31 1.23
N ASP A 778 -6.06 -23.50 0.95
CA ASP A 778 -5.62 -24.12 -0.28
C ASP A 778 -6.12 -25.56 -0.37
N ASP A 779 -6.17 -26.25 0.79
CA ASP A 779 -6.69 -27.60 0.86
CA ASP A 779 -6.69 -27.60 0.86
C ASP A 779 -8.18 -27.61 0.55
N ALA A 780 -8.92 -26.66 1.12
CA ALA A 780 -10.36 -26.59 0.95
C ALA A 780 -10.75 -26.28 -0.48
N ARG A 781 -9.90 -25.53 -1.20
CA ARG A 781 -10.11 -25.19 -2.60
C ARG A 781 -10.11 -26.42 -3.50
N MET A 782 -9.49 -27.52 -3.04
CA MET A 782 -9.45 -28.77 -3.80
C MET A 782 -10.87 -29.14 -4.24
N GLY A 783 -11.84 -28.92 -3.36
CA GLY A 783 -13.22 -29.33 -3.59
C GLY A 783 -14.06 -28.30 -4.35
N GLY A 784 -13.40 -27.32 -4.99
CA GLY A 784 -14.10 -26.39 -5.87
C GLY A 784 -14.53 -25.12 -5.15
N GLU A 785 -15.17 -24.22 -5.90
CA GLU A 785 -15.40 -22.86 -5.44
C GLU A 785 -16.30 -22.83 -4.22
N GLU A 786 -17.40 -23.61 -4.25
CA GLU A 786 -18.39 -23.53 -3.18
C GLU A 786 -17.77 -24.05 -1.88
N ALA A 787 -16.94 -25.09 -1.97
CA ALA A 787 -16.22 -25.61 -0.82
C ALA A 787 -15.29 -24.54 -0.26
N GLU A 788 -14.68 -23.73 -1.14
CA GLU A 788 -13.82 -22.64 -0.75
C GLU A 788 -14.65 -21.55 -0.06
N ILE A 789 -15.81 -21.23 -0.62
CA ILE A 789 -16.67 -20.18 -0.10
C ILE A 789 -17.14 -20.55 1.31
N ARG A 790 -17.55 -21.81 1.48
CA ARG A 790 -18.11 -22.28 2.74
C ARG A 790 -17.02 -22.32 3.81
N PHE A 791 -15.83 -22.78 3.42
CA PHE A 791 -14.68 -22.77 4.31
C PHE A 791 -14.43 -21.37 4.85
N CYS A 792 -14.41 -20.38 3.95
CA CYS A 792 -14.10 -19.01 4.33
C CYS A 792 -15.21 -18.44 5.22
N GLU A 793 -16.46 -18.84 4.99
CA GLU A 793 -17.59 -18.33 5.76
C GLU A 793 -17.60 -18.96 7.15
N HIS A 794 -17.31 -20.27 7.22
CA HIS A 794 -17.30 -21.00 8.47
CA HIS A 794 -17.30 -21.00 8.47
C HIS A 794 -16.15 -20.51 9.36
N LYS A 795 -15.01 -20.20 8.74
CA LYS A 795 -13.82 -19.82 9.48
C LYS A 795 -13.69 -18.29 9.56
N ARG A 796 -14.67 -17.58 9.00
CA ARG A 796 -14.73 -16.12 9.05
C ARG A 796 -13.45 -15.55 8.45
N LEU A 797 -13.23 -15.87 7.16
CA LEU A 797 -12.06 -15.41 6.42
C LEU A 797 -12.51 -14.60 5.22
N ASN A 798 -11.69 -13.61 4.84
CA ASN A 798 -11.93 -12.82 3.64
C ASN A 798 -11.31 -13.57 2.46
N MET A 799 -12.18 -14.16 1.62
CA MET A 799 -11.75 -15.04 0.54
C MET A 799 -11.01 -14.25 -0.54
N ALA A 800 -11.49 -13.03 -0.83
CA ALA A 800 -10.87 -12.17 -1.83
C ALA A 800 -9.42 -11.85 -1.42
N THR A 801 -9.23 -11.54 -0.14
CA THR A 801 -7.90 -11.26 0.39
C THR A 801 -6.98 -12.45 0.18
N LEU A 802 -7.47 -13.65 0.48
CA LEU A 802 -6.66 -14.87 0.36
C LEU A 802 -6.27 -15.07 -1.11
N ARG A 803 -7.23 -14.92 -2.02
CA ARG A 803 -6.99 -15.13 -3.45
C ARG A 803 -5.96 -14.14 -3.98
N MET A 804 -6.11 -12.87 -3.62
CA MET A 804 -5.22 -11.82 -4.10
C MET A 804 -3.81 -12.04 -3.55
N THR A 805 -3.71 -12.46 -2.28
CA THR A 805 -2.42 -12.74 -1.66
C THR A 805 -1.74 -13.91 -2.37
N TRP A 806 -2.51 -14.96 -2.68
CA TRP A 806 -2.01 -16.12 -3.41
C TRP A 806 -1.43 -15.68 -4.76
N GLU A 807 -2.19 -14.87 -5.51
CA GLU A 807 -1.75 -14.45 -6.83
C GLU A 807 -0.48 -13.62 -6.72
N ALA A 808 -0.41 -12.75 -5.71
CA ALA A 808 0.77 -11.94 -5.44
C ALA A 808 1.98 -12.84 -5.19
N LYS A 809 1.77 -13.90 -4.39
CA LYS A 809 2.83 -14.85 -4.09
C LYS A 809 3.35 -15.48 -5.38
N VAL A 810 2.43 -15.89 -6.26
CA VAL A 810 2.79 -16.55 -7.51
C VAL A 810 3.72 -15.64 -8.32
N GLN A 811 3.41 -14.33 -8.36
CA GLN A 811 4.19 -13.39 -9.17
C GLN A 811 5.55 -13.13 -8.54
N LEU A 812 5.61 -13.09 -7.20
CA LEU A 812 6.88 -12.90 -6.52
C LEU A 812 7.81 -14.06 -6.85
N LYS A 813 7.29 -15.29 -6.77
CA LYS A 813 8.02 -16.48 -7.17
C LYS A 813 8.53 -16.35 -8.60
N GLU A 814 7.63 -15.94 -9.51
CA GLU A 814 7.95 -15.80 -10.92
C GLU A 814 9.20 -14.93 -11.09
N ILE A 815 9.24 -13.80 -10.38
CA ILE A 815 10.35 -12.86 -10.52
C ILE A 815 11.64 -13.48 -9.98
N LEU A 816 11.54 -14.28 -8.92
CA LEU A 816 12.69 -14.99 -8.38
C LEU A 816 13.16 -16.03 -9.40
N ILE A 817 12.22 -16.79 -9.97
CA ILE A 817 12.53 -17.80 -10.97
C ILE A 817 13.31 -17.16 -12.12
N ASN A 818 12.79 -16.03 -12.63
CA ASN A 818 13.38 -15.35 -13.78
C ASN A 818 14.73 -14.73 -13.43
N SER A 819 14.98 -14.51 -12.14
CA SER A 819 16.26 -14.00 -11.67
C SER A 819 17.27 -15.15 -11.51
N GLY A 820 16.82 -16.39 -11.74
CA GLY A 820 17.71 -17.53 -11.82
C GLY A 820 17.62 -18.44 -10.60
N PHE A 821 16.66 -18.19 -9.70
CA PHE A 821 16.49 -19.04 -8.53
C PHE A 821 15.82 -20.36 -8.97
N PRO A 822 16.22 -21.51 -8.40
CA PRO A 822 15.67 -22.80 -8.80
C PRO A 822 14.25 -23.03 -8.26
N GLU A 823 13.44 -23.73 -9.06
CA GLU A 823 12.06 -24.04 -8.74
C GLU A 823 11.99 -24.79 -7.40
N ASP A 824 13.00 -25.65 -7.17
CA ASP A 824 13.03 -26.55 -6.03
C ASP A 824 13.09 -25.81 -4.69
N CYS A 825 13.52 -24.55 -4.69
CA CYS A 825 13.66 -23.80 -3.44
C CYS A 825 12.41 -22.97 -3.16
N LEU A 826 11.39 -23.10 -4.02
CA LEU A 826 10.19 -22.28 -3.93
C LEU A 826 8.92 -23.14 -3.96
N LEU A 827 9.04 -24.44 -3.62
CA LEU A 827 7.90 -25.34 -3.63
C LEU A 827 7.08 -25.15 -2.36
N THR A 828 5.76 -25.35 -2.48
CA THR A 828 4.88 -25.44 -1.32
C THR A 828 5.31 -26.62 -0.46
N GLN A 829 5.41 -26.39 0.85
CA GLN A 829 5.82 -27.41 1.80
C GLN A 829 4.80 -27.47 2.93
N VAL A 830 4.17 -28.64 3.07
CA VAL A 830 3.27 -28.87 4.18
C VAL A 830 4.06 -28.69 5.48
N PHE A 831 3.39 -28.20 6.52
CA PHE A 831 4.01 -28.01 7.82
C PHE A 831 2.98 -28.28 8.92
N THR A 832 3.49 -28.57 10.12
CA THR A 832 2.65 -28.61 11.30
C THR A 832 2.95 -27.37 12.15
N ASN A 833 1.90 -26.83 12.78
CA ASN A 833 2.03 -25.67 13.64
C ASN A 833 2.02 -26.09 15.11
N THR A 834 2.16 -27.40 15.38
CA THR A 834 2.19 -27.91 16.75
C THR A 834 3.44 -28.75 17.01
N GLY A 835 3.77 -29.64 16.07
CA GLY A 835 4.88 -30.57 16.24
C GLY A 835 6.20 -29.98 15.74
N PRO A 836 7.34 -30.65 15.99
CA PRO A 836 8.64 -30.20 15.48
C PRO A 836 8.59 -29.97 13.98
N ASP A 837 9.09 -28.79 13.54
CA ASP A 837 9.09 -28.43 12.13
C ASP A 837 10.22 -27.43 11.88
N ASN A 838 11.32 -27.91 11.28
CA ASN A 838 12.52 -27.11 11.15
C ASN A 838 12.36 -26.10 10.02
N ASN A 839 11.53 -26.42 9.01
CA ASN A 839 11.23 -25.45 7.97
C ASN A 839 10.56 -24.23 8.58
N LEU A 840 9.61 -24.45 9.49
CA LEU A 840 8.87 -23.36 10.12
C LEU A 840 9.77 -22.58 11.08
N ASP A 841 10.63 -23.29 11.82
CA ASP A 841 11.63 -22.67 12.67
C ASP A 841 12.43 -21.62 11.90
N VAL A 842 12.89 -22.00 10.70
CA VAL A 842 13.75 -21.15 9.88
C VAL A 842 12.95 -19.95 9.38
N VAL A 843 11.70 -20.18 8.94
CA VAL A 843 10.83 -19.11 8.47
C VAL A 843 10.70 -18.05 9.54
N ILE A 844 10.53 -18.48 10.80
CA ILE A 844 10.37 -17.56 11.91
C ILE A 844 11.69 -16.80 12.13
N SER A 845 12.83 -17.48 11.96
CA SER A 845 14.12 -16.83 12.06
C SER A 845 14.25 -15.73 11.00
N LEU A 846 13.86 -16.06 9.77
CA LEU A 846 13.93 -15.12 8.66
C LEU A 846 12.92 -13.99 8.85
N LEU A 847 11.77 -14.28 9.49
CA LEU A 847 10.79 -13.24 9.77
C LEU A 847 11.40 -12.19 10.70
N ALA A 848 12.13 -12.64 11.73
CA ALA A 848 12.81 -11.74 12.64
C ALA A 848 13.70 -10.76 11.87
N PHE A 849 14.44 -11.27 10.88
CA PHE A 849 15.22 -10.41 10.00
C PHE A 849 14.31 -9.45 9.24
N GLY A 850 13.21 -9.98 8.69
CA GLY A 850 12.31 -9.20 7.84
C GLY A 850 11.78 -7.94 8.53
N VAL A 851 11.36 -8.07 9.80
CA VAL A 851 10.59 -7.03 10.46
C VAL A 851 11.51 -6.17 11.35
N TYR A 852 12.78 -6.53 11.48
CA TYR A 852 13.72 -5.71 12.24
C TYR A 852 13.67 -4.27 11.74
N PRO A 853 13.72 -3.23 12.61
CA PRO A 853 14.03 -3.38 14.04
C PRO A 853 12.88 -3.59 15.02
N ASN A 854 11.74 -4.11 14.55
CA ASN A 854 10.59 -4.34 15.41
C ASN A 854 10.80 -5.60 16.23
N VAL A 855 11.39 -5.43 17.43
CA VAL A 855 11.47 -6.47 18.43
C VAL A 855 11.06 -5.85 19.76
N CYS A 856 10.44 -6.67 20.62
CA CYS A 856 9.95 -6.21 21.91
C CYS A 856 10.10 -7.29 22.97
N TYR A 857 9.84 -6.90 24.23
CA TYR A 857 10.01 -7.77 25.38
C TYR A 857 8.74 -7.70 26.24
N HIS A 858 8.19 -8.86 26.61
CA HIS A 858 6.94 -8.91 27.35
C HIS A 858 7.21 -8.78 28.85
N LYS A 859 6.56 -7.80 29.48
CA LYS A 859 6.66 -7.60 30.92
C LYS A 859 5.57 -8.42 31.62
N GLU A 860 4.31 -8.00 31.50
CA GLU A 860 3.18 -8.76 31.99
C GLU A 860 1.91 -8.30 31.28
N LYS A 861 0.93 -9.21 31.18
CA LYS A 861 -0.34 -8.94 30.52
C LYS A 861 -0.04 -8.46 29.10
N ARG A 862 -0.54 -7.27 28.73
CA ARG A 862 -0.39 -6.77 27.37
C ARG A 862 0.81 -5.84 27.26
N LYS A 863 1.50 -5.58 28.38
CA LYS A 863 2.55 -4.57 28.41
C LYS A 863 3.86 -5.15 27.90
N ILE A 864 4.47 -4.46 26.93
CA ILE A 864 5.72 -4.87 26.32
C ILE A 864 6.70 -3.70 26.34
N LEU A 865 8.00 -4.01 26.23
CA LEU A 865 9.06 -3.01 26.17
C LEU A 865 9.60 -2.96 24.74
N THR A 866 9.72 -1.75 24.19
CA THR A 866 10.15 -1.56 22.81
C THR A 866 11.65 -1.30 22.75
N THR A 867 12.17 -1.16 21.52
CA THR A 867 13.57 -0.92 21.26
C THR A 867 14.03 0.39 21.89
N GLU A 868 13.11 1.35 22.03
CA GLU A 868 13.44 2.68 22.55
C GLU A 868 13.52 2.65 24.08
N GLY A 869 12.97 1.59 24.69
CA GLY A 869 12.88 1.48 26.14
C GLY A 869 11.52 1.92 26.68
N ARG A 870 10.58 2.23 25.77
CA ARG A 870 9.26 2.71 26.15
C ARG A 870 8.32 1.53 26.33
N ASN A 871 7.22 1.77 27.06
CA ASN A 871 6.17 0.79 27.26
C ASN A 871 5.25 0.78 26.04
N ALA A 872 4.68 -0.39 25.74
CA ALA A 872 3.76 -0.56 24.62
C ALA A 872 2.79 -1.70 24.92
N LEU A 873 1.76 -1.82 24.07
CA LEU A 873 0.70 -2.81 24.26
C LEU A 873 0.74 -3.84 23.13
N ILE A 874 0.42 -5.10 23.48
CA ILE A 874 0.07 -6.12 22.50
C ILE A 874 -1.26 -5.73 21.87
N HIS A 875 -1.30 -5.66 20.53
CA HIS A 875 -2.50 -5.27 19.81
C HIS A 875 -3.61 -6.30 20.05
N LYS A 876 -4.85 -5.82 20.12
CA LYS A 876 -6.00 -6.63 20.50
C LYS A 876 -6.25 -7.74 19.49
N SER A 877 -5.79 -7.55 18.25
CA SER A 877 -6.06 -8.47 17.15
C SER A 877 -5.09 -9.65 17.14
N SER A 878 -4.08 -9.64 18.03
CA SER A 878 -3.05 -10.67 18.03
C SER A 878 -3.53 -11.94 18.71
N VAL A 879 -3.04 -13.09 18.22
CA VAL A 879 -3.24 -14.37 18.89
C VAL A 879 -2.52 -14.35 20.24
N ASN A 880 -1.58 -13.42 20.42
CA ASN A 880 -0.82 -13.32 21.65
C ASN A 880 -1.49 -12.39 22.65
N CYS A 881 -2.58 -11.71 22.24
CA CYS A 881 -3.37 -10.92 23.16
C CYS A 881 -4.26 -11.84 23.98
N PRO A 882 -4.27 -11.74 25.33
CA PRO A 882 -5.10 -12.62 26.16
C PRO A 882 -6.58 -12.36 25.91
N PHE A 883 -7.31 -13.45 25.59
CA PHE A 883 -8.73 -13.38 25.27
C PHE A 883 -9.50 -12.73 26.41
N SER A 884 -9.16 -13.10 27.65
CA SER A 884 -9.83 -12.55 28.82
C SER A 884 -8.79 -12.21 29.89
N SER A 885 -9.02 -12.65 31.14
CA SER A 885 -8.20 -12.28 32.28
C SER A 885 -7.10 -13.32 32.54
N GLN A 886 -7.21 -14.49 31.92
CA GLN A 886 -6.23 -15.56 32.09
C GLN A 886 -4.95 -15.15 31.36
N ASP A 887 -3.84 -15.10 32.09
CA ASP A 887 -2.56 -14.65 31.56
C ASP A 887 -1.96 -15.76 30.70
N MET A 888 -1.17 -15.35 29.69
CA MET A 888 -0.48 -16.28 28.82
C MET A 888 0.91 -16.56 29.40
N LYS A 889 1.31 -17.84 29.36
CA LYS A 889 2.63 -18.27 29.80
C LYS A 889 3.52 -18.45 28.56
N TYR A 890 4.20 -17.37 28.17
CA TYR A 890 5.10 -17.42 27.02
C TYR A 890 6.38 -18.13 27.42
N PRO A 891 6.87 -19.12 26.64
CA PRO A 891 8.16 -19.75 26.92
C PRO A 891 9.37 -18.87 26.62
N SER A 892 9.14 -17.76 25.90
CA SER A 892 10.12 -16.70 25.72
C SER A 892 9.41 -15.35 25.79
N PRO A 893 10.03 -14.30 26.36
CA PRO A 893 9.44 -12.96 26.41
C PRO A 893 9.67 -12.10 25.16
N PHE A 894 10.43 -12.64 24.19
CA PHE A 894 10.83 -11.88 23.03
C PHE A 894 9.86 -12.12 21.87
N PHE A 895 9.44 -11.04 21.22
CA PHE A 895 8.58 -11.09 20.05
C PHE A 895 9.11 -10.15 18.98
N VAL A 896 9.01 -10.58 17.71
CA VAL A 896 9.16 -9.69 16.58
C VAL A 896 7.77 -9.41 16.03
N PHE A 897 7.60 -8.29 15.31
CA PHE A 897 6.27 -7.92 14.86
C PHE A 897 6.33 -7.03 13.61
N GLY A 898 5.22 -6.98 12.88
CA GLY A 898 5.17 -6.34 11.58
C GLY A 898 5.14 -4.82 11.67
N GLU A 899 4.33 -4.28 12.59
CA GLU A 899 4.09 -2.84 12.67
C GLU A 899 4.17 -2.37 14.12
N LYS A 900 4.92 -1.28 14.34
CA LYS A 900 4.86 -0.52 15.58
C LYS A 900 3.99 0.71 15.34
N ILE A 901 2.79 0.73 15.94
CA ILE A 901 1.78 1.71 15.61
C ILE A 901 1.55 2.64 16.79
N ARG A 902 1.46 3.95 16.50
CA ARG A 902 1.17 4.97 17.49
C ARG A 902 -0.27 5.43 17.31
N THR A 903 -1.08 5.25 18.36
CA THR A 903 -2.40 5.86 18.46
C THR A 903 -2.40 6.77 19.68
N ARG A 904 -3.01 6.29 20.78
CA ARG A 904 -2.91 6.95 22.07
C ARG A 904 -1.76 6.30 22.86
N ALA A 905 -1.58 4.99 22.65
CA ALA A 905 -0.43 4.26 23.14
C ALA A 905 0.39 3.73 21.96
N ILE A 906 1.48 3.03 22.29
CA ILE A 906 2.28 2.34 21.29
C ILE A 906 1.84 0.88 21.24
N SER A 907 1.49 0.41 20.03
CA SER A 907 0.99 -0.95 19.84
C SER A 907 1.92 -1.74 18.92
N ALA A 908 2.14 -3.01 19.27
CA ALA A 908 2.80 -3.96 18.41
C ALA A 908 1.74 -4.86 17.77
N LYS A 909 1.65 -4.82 16.43
CA LYS A 909 0.66 -5.59 15.70
C LYS A 909 1.36 -6.59 14.78
N GLY A 910 0.80 -7.80 14.71
CA GLY A 910 1.38 -8.88 13.91
C GLY A 910 2.61 -9.47 14.61
N MET A 911 2.35 -10.20 15.71
CA MET A 911 3.37 -10.52 16.68
C MET A 911 3.74 -12.01 16.60
N THR A 912 5.05 -12.30 16.60
CA THR A 912 5.57 -13.65 16.53
C THR A 912 6.69 -13.84 17.56
N LEU A 913 6.47 -14.77 18.50
CA LEU A 913 7.46 -15.11 19.51
C LEU A 913 8.72 -15.65 18.85
N VAL A 914 9.89 -15.21 19.34
CA VAL A 914 11.17 -15.74 18.93
C VAL A 914 11.98 -16.07 20.18
N THR A 915 12.99 -16.94 20.02
CA THR A 915 13.88 -17.29 21.12
C THR A 915 15.00 -16.25 21.20
N PRO A 916 15.73 -16.18 22.34
CA PRO A 916 16.89 -15.30 22.45
C PRO A 916 17.95 -15.52 21.38
N LEU A 917 18.10 -16.77 20.92
CA LEU A 917 19.10 -17.10 19.91
C LEU A 917 18.71 -16.47 18.58
N GLN A 918 17.41 -16.44 18.27
CA GLN A 918 16.91 -15.82 17.06
C GLN A 918 17.06 -14.30 17.16
N LEU A 919 16.87 -13.77 18.37
CA LEU A 919 17.08 -12.35 18.64
C LEU A 919 18.50 -11.95 18.24
N LEU A 920 19.49 -12.70 18.73
CA LEU A 920 20.89 -12.40 18.46
C LEU A 920 21.23 -12.62 16.98
N LEU A 921 20.62 -13.64 16.37
CA LEU A 921 20.99 -14.01 15.01
C LEU A 921 20.49 -12.98 14.02
N PHE A 922 19.19 -12.63 14.08
CA PHE A 922 18.56 -11.87 13.02
C PHE A 922 17.80 -10.63 13.51
N ALA A 923 17.58 -10.48 14.82
CA ALA A 923 16.82 -9.36 15.31
C ALA A 923 17.68 -8.41 16.15
N SER A 924 18.95 -8.24 15.75
CA SER A 924 19.85 -7.34 16.46
C SER A 924 20.99 -6.87 15.55
N LYS A 925 21.26 -5.56 15.58
CA LYS A 925 22.33 -4.98 14.78
C LYS A 925 23.59 -4.89 15.63
N LYS A 926 23.48 -4.34 16.84
CA LYS A 926 24.62 -4.04 17.68
C LYS A 926 24.54 -4.84 18.97
N VAL A 927 25.66 -5.50 19.33
CA VAL A 927 25.73 -6.38 20.48
C VAL A 927 27.05 -6.12 21.21
N GLN A 928 26.96 -5.84 22.51
CA GLN A 928 28.14 -5.61 23.36
C GLN A 928 28.16 -6.62 24.50
N SER A 929 29.35 -7.12 24.83
CA SER A 929 29.53 -8.12 25.87
C SER A 929 30.61 -7.69 26.86
N ASP A 930 30.42 -8.08 28.13
CA ASP A 930 31.40 -7.83 29.18
C ASP A 930 31.96 -9.14 29.70
N GLY A 931 31.64 -10.25 29.03
CA GLY A 931 32.14 -11.57 29.42
C GLY A 931 31.05 -12.45 30.01
N GLN A 932 29.98 -11.84 30.56
CA GLN A 932 28.88 -12.58 31.13
C GLN A 932 27.53 -12.00 30.71
N ILE A 933 27.43 -10.66 30.67
CA ILE A 933 26.21 -9.99 30.26
C ILE A 933 26.40 -9.44 28.85
N VAL A 934 25.35 -9.55 28.03
CA VAL A 934 25.36 -9.03 26.67
C VAL A 934 24.28 -7.97 26.55
N LEU A 935 24.57 -6.89 25.81
CA LEU A 935 23.65 -5.78 25.64
C LEU A 935 23.27 -5.66 24.17
N VAL A 936 21.99 -5.93 23.87
CA VAL A 936 21.49 -5.93 22.51
C VAL A 936 20.90 -4.55 22.20
N ASP A 937 21.47 -3.89 21.18
CA ASP A 937 21.01 -2.59 20.68
C ASP A 937 20.59 -1.66 21.82
N ASP A 938 21.34 -1.67 22.93
CA ASP A 938 21.19 -0.70 24.01
C ASP A 938 19.76 -0.66 24.54
N TRP A 939 19.08 -1.81 24.61
CA TRP A 939 17.71 -1.84 25.13
C TRP A 939 17.44 -3.08 25.99
N ILE A 940 18.09 -4.21 25.68
CA ILE A 940 17.84 -5.43 26.46
C ILE A 940 19.16 -6.16 26.70
N ARG A 941 19.24 -6.84 27.84
CA ARG A 941 20.44 -7.53 28.26
C ARG A 941 20.16 -9.03 28.36
N LEU A 942 21.15 -9.83 27.94
CA LEU A 942 21.07 -11.29 28.04
C LEU A 942 22.24 -11.80 28.88
N GLN A 943 21.95 -12.74 29.78
CA GLN A 943 22.98 -13.51 30.47
C GLN A 943 23.28 -14.76 29.64
N ILE A 944 24.29 -14.65 28.78
CA ILE A 944 24.68 -15.73 27.88
C ILE A 944 26.19 -15.68 27.71
N SER A 945 26.81 -16.83 27.41
CA SER A 945 28.25 -16.90 27.25
C SER A 945 28.69 -15.92 26.16
N HIS A 946 29.91 -15.39 26.30
CA HIS A 946 30.49 -14.50 25.32
C HIS A 946 30.65 -15.21 23.98
N GLU A 947 31.07 -16.49 24.04
CA GLU A 947 31.49 -17.22 22.85
C GLU A 947 30.28 -17.55 21.97
N ALA A 948 29.17 -17.95 22.60
CA ALA A 948 27.96 -18.28 21.86
C ALA A 948 27.45 -17.05 21.12
N ALA A 949 27.30 -15.93 21.86
CA ALA A 949 26.85 -14.67 21.29
C ALA A 949 27.74 -14.24 20.13
N ALA A 950 29.06 -14.45 20.27
CA ALA A 950 30.02 -14.05 19.26
C ALA A 950 29.93 -14.97 18.04
N CYS A 951 29.71 -16.27 18.28
CA CYS A 951 29.57 -17.24 17.22
C CYS A 951 28.30 -16.97 16.41
N ILE A 952 27.19 -16.70 17.11
CA ILE A 952 25.91 -16.41 16.48
C ILE A 952 26.03 -15.15 15.63
N THR A 953 26.77 -14.15 16.13
CA THR A 953 27.01 -12.91 15.42
C THR A 953 27.79 -13.18 14.13
N ALA A 954 28.70 -14.15 14.18
CA ALA A 954 29.51 -14.52 13.03
C ALA A 954 28.69 -15.32 12.03
N LEU A 955 27.73 -16.12 12.52
CA LEU A 955 26.82 -16.83 11.64
C LEU A 955 26.07 -15.81 10.78
N ARG A 956 25.54 -14.77 11.43
CA ARG A 956 24.84 -13.70 10.73
C ARG A 956 25.72 -13.11 9.64
N ALA A 957 26.99 -12.86 9.97
CA ALA A 957 27.93 -12.25 9.02
C ALA A 957 28.19 -13.21 7.86
N ALA A 958 28.37 -14.49 8.18
CA ALA A 958 28.61 -15.51 7.18
C ALA A 958 27.40 -15.66 6.26
N MET A 959 26.20 -15.59 6.84
CA MET A 959 24.96 -15.68 6.09
C MET A 959 24.87 -14.52 5.10
N GLU A 960 25.22 -13.30 5.57
CA GLU A 960 25.23 -12.11 4.73
C GLU A 960 26.17 -12.29 3.55
N ALA A 961 27.37 -12.83 3.81
CA ALA A 961 28.37 -13.05 2.76
C ALA A 961 27.82 -14.03 1.73
N LEU A 962 27.13 -15.08 2.18
CA LEU A 962 26.56 -16.07 1.27
C LEU A 962 25.46 -15.43 0.43
N VAL A 963 24.65 -14.55 1.04
CA VAL A 963 23.59 -13.87 0.30
C VAL A 963 24.21 -13.08 -0.85
N VAL A 964 25.31 -12.39 -0.57
CA VAL A 964 25.99 -11.61 -1.60
C VAL A 964 26.40 -12.54 -2.75
N GLU A 965 27.04 -13.65 -2.43
CA GLU A 965 27.49 -14.60 -3.43
C GLU A 965 26.29 -15.15 -4.21
N VAL A 966 25.20 -15.47 -3.50
CA VAL A 966 24.03 -16.07 -4.11
C VAL A 966 23.40 -15.10 -5.12
N THR A 967 23.42 -13.79 -4.83
CA THR A 967 22.79 -12.82 -5.72
C THR A 967 23.62 -12.66 -7.01
N LYS A 968 24.94 -12.86 -6.91
CA LYS A 968 25.79 -12.86 -8.10
C LYS A 968 25.46 -14.05 -8.99
N GLN A 969 25.18 -15.20 -8.38
CA GLN A 969 24.97 -16.44 -9.12
C GLN A 969 23.94 -17.31 -8.38
N PRO A 970 22.63 -17.04 -8.55
CA PRO A 970 21.59 -17.71 -7.75
C PRO A 970 21.49 -19.23 -7.84
N ASN A 971 22.03 -19.82 -8.92
CA ASN A 971 21.92 -21.25 -9.16
C ASN A 971 22.80 -22.04 -8.18
N ILE A 972 23.70 -21.36 -7.46
CA ILE A 972 24.57 -22.04 -6.50
C ILE A 972 23.75 -22.56 -5.31
N ILE A 973 22.51 -22.08 -5.18
CA ILE A 973 21.60 -22.56 -4.15
C ILE A 973 21.47 -24.09 -4.24
N SER A 974 21.21 -24.60 -5.45
CA SER A 974 20.88 -26.01 -5.64
C SER A 974 22.14 -26.88 -5.63
N GLN A 975 23.29 -26.29 -5.96
CA GLN A 975 24.55 -27.01 -5.98
C GLN A 975 25.52 -26.30 -5.04
N LEU A 976 25.22 -26.36 -3.73
CA LEU A 976 25.92 -25.57 -2.73
C LEU A 976 26.94 -26.45 -2.00
N ASP A 977 28.14 -25.90 -1.79
CA ASP A 977 29.27 -26.67 -1.30
C ASP A 977 29.08 -27.01 0.18
N PRO A 978 29.76 -28.06 0.70
CA PRO A 978 29.61 -28.47 2.09
C PRO A 978 29.84 -27.39 3.15
N VAL A 979 30.78 -26.48 2.89
CA VAL A 979 31.19 -25.49 3.88
C VAL A 979 30.03 -24.54 4.20
N ASN A 980 29.24 -24.18 3.17
CA ASN A 980 28.11 -23.28 3.35
C ASN A 980 26.95 -24.04 3.99
N GLU A 981 26.75 -25.31 3.59
CA GLU A 981 25.74 -26.17 4.17
C GLU A 981 25.96 -26.28 5.68
N HIS A 982 27.23 -26.39 6.10
CA HIS A 982 27.59 -26.45 7.51
C HIS A 982 27.11 -25.19 8.24
N MET A 983 27.27 -24.03 7.61
CA MET A 983 26.89 -22.76 8.20
C MET A 983 25.37 -22.68 8.31
N LEU A 984 24.67 -23.07 7.22
CA LEU A 984 23.21 -23.03 7.16
C LEU A 984 22.60 -24.00 8.19
N ASN A 985 23.20 -25.19 8.31
CA ASN A 985 22.71 -26.21 9.22
C ASN A 985 22.79 -25.71 10.65
N MET A 986 23.80 -24.89 10.97
CA MET A 986 23.96 -24.37 12.31
C MET A 986 22.85 -23.35 12.59
N ILE A 987 22.53 -22.51 11.59
CA ILE A 987 21.41 -21.59 11.71
C ILE A 987 20.10 -22.39 11.87
N ARG A 988 19.96 -23.46 11.09
CA ARG A 988 18.80 -24.32 11.19
C ARG A 988 18.63 -24.83 12.62
N GLN A 989 19.74 -25.21 13.26
CA GLN A 989 19.70 -25.79 14.60
C GLN A 989 19.30 -24.74 15.64
N ILE A 990 19.86 -23.52 15.55
CA ILE A 990 19.59 -22.51 16.56
C ILE A 990 18.26 -21.81 16.29
N SER A 991 17.58 -22.17 15.20
CA SER A 991 16.22 -21.71 14.95
C SER A 991 15.22 -22.53 15.76
N ARG A 992 15.65 -23.71 16.23
CA ARG A 992 14.78 -24.63 16.92
C ARG A 992 14.44 -24.10 18.32
N PRO A 993 13.18 -24.23 18.78
CA PRO A 993 12.85 -23.95 20.18
C PRO A 993 13.77 -24.67 21.17
N SER A 994 14.07 -25.95 20.89
CA SER A 994 14.83 -26.80 21.80
C SER A 994 16.24 -26.26 22.02
N ALA A 995 16.79 -25.58 20.99
CA ALA A 995 18.11 -24.96 21.10
C ALA A 995 18.15 -23.94 22.23
N ALA A 996 17.01 -23.28 22.50
CA ALA A 996 16.91 -22.31 23.58
C ALA A 996 16.18 -22.90 24.80
N GLY A 997 16.13 -24.23 24.87
CA GLY A 997 15.59 -24.93 26.03
C GLY A 997 14.06 -24.87 26.11
N ILE A 998 13.40 -24.68 24.96
CA ILE A 998 11.95 -24.53 24.90
C ILE A 998 11.34 -25.76 24.22
N ASN A 999 10.25 -26.26 24.80
CA ASN A 999 9.41 -27.26 24.16
C ASN A 999 7.98 -26.73 24.11
N LEU A 1000 7.54 -26.37 22.89
CA LEU A 1000 6.27 -25.68 22.69
C LEU A 1000 5.08 -26.60 22.91
N MET A 1001 5.30 -27.92 22.86
CA MET A 1001 4.24 -28.90 23.03
CA MET A 1001 4.25 -28.90 23.03
C MET A 1001 3.90 -29.04 24.51
N ILE A 1002 4.85 -28.68 25.39
CA ILE A 1002 4.64 -28.72 26.83
C ILE A 1002 4.36 -27.29 27.31
N ASP A 1003 3.29 -27.14 28.10
CA ASP A 1003 2.93 -25.85 28.68
C ASP A 1003 3.79 -25.60 29.92
#